data_6B2E
#
_entry.id   6B2E
#
_cell.length_a   113.936
_cell.length_b   118.848
_cell.length_c   138.096
_cell.angle_alpha   90.00
_cell.angle_beta   90.00
_cell.angle_gamma   90.00
#
_symmetry.space_group_name_H-M   'P 21 21 21'
#
loop_
_entity.id
_entity.type
_entity.pdbx_description
1 polymer "5'-AMP-activated protein kinase catalytic subunit alpha-2"
2 polymer "5'-AMP-activated protein kinase subunit beta-2"
3 polymer "5'-AMP-activated protein kinase subunit gamma-1"
4 branched Cycloheptakis-(1-4)-(alpha-D-glucopyranose)
5 non-polymer STAUROSPORINE
6 non-polymer "5-{[6-chloro-5-(2'-hydroxy[1,1'-biphenyl]-4-yl)-1H-imidazo[4,5-b]pyridin-2-yl]oxy}-2-methylbenzoic acid"
7 non-polymer 'ADENOSINE MONOPHOSPHATE'
#
loop_
_entity_poly.entity_id
_entity_poly.type
_entity_poly.pdbx_seq_one_letter_code
_entity_poly.pdbx_strand_id
1 'polypeptide(L)'
;MGSSHHHHHHSQDPAEKQKHDGRVKIGHYVLGDTLGVGTFGKVKIGEHQLTGHKVAVKILNRQKIRSLDVVGKIKREIQN
LKLFRHPHIIKLYQVISTPTDFFMVMEYVSGGELFDYICKHGRVEEMEARRLFQQILSAVDYCHRHMVVHRDLKPENVLL
DAHMNAKIADFGLSNMMSDGEFLR(TPO)SCGSPNYAAPEVISGRLYAGPEVDIWSCGVILYALLCGTLPFDDEHVPTLF
KKIRGGVFYIPEYLNRSVATLLMHMLQVDPLKRATIKDIREHEWFKQGLPSYLFPEDPSYDANVIDDEAVKEVCEKFECT
ESEVMNSLYSGDPQDQLAVAYHLIIDNRRIMNQASEFYLASSPPSGSFMDDSAMHIPPGLKPHPERMPPLIADSPKARCP
LDALNTTKPKSLAVKKAKWHLGIRSQSKPYDIMAEVYRAMKQLDFEWKVVNAYHLRVRRKNPVTGNYVKMSLQLYLVDNR
SYLLDFKSIDDEVVEQRSGSSTPQRSCSAAGLHRPRSSFDSTTAESHSLSGSLTGSLTGSTLSSVSPRLGSHTMDFFEMC
ASLITTLAR
;
A
2 'polypeptide(L)'
;MGNTTSDRVSGERHGAKAARSEGAGGHAPGKEHKIMVGSTDDPSVFSLPDSKLPGDKEFVSWQQDLEDSVKPTQQARPTV
IRWSEGGKEVFISGSFNNWSTKIPLIK(SEP)HNDFVAILDLPEGEHQYKFFVDGQWVHDPSEPVVTSQLGTINNLIHVK
KSDFEVFDALKLDSMESSETSCRDLSSSPPGPYGQEMYAFRSEERFKSPPILPPHLLQVILNKDTNISCDPALLPEPNHV
MLNHLYALSIKDSVMVLSATHRYKKKYVTTLLYKPI
;
B
3 'polypeptide(L)'
;MADLNWETVISSDSSPAVENEHPQETPESNNSVYTSFMKSHRCYDLIPTSSKLVVFDTSLQVKKAFFALVTNGVRAAPLW
DSKKQSFVGMLTITDFINILHRYYKSALVQIYELEEHKIETWREVYLQDSFKPLVCISPNASLFDAVSSLIRNKIHRLPV
IDPESGNTLYILTHKRILKFLKLFITEFPKPEFMSKSLEELQIGTYANIAMVRTTTPVYVALGIFVQHRVSALPVVDEKG
RVVDIYSKFDVINLAAEKTYNNLDVSVTKALQHRSHYFEGVLKCYLHETLETIINRLVEAEVHRLVVVDENDVVKGIVSL
SDILQALVLTGGEKKP
;
C
#
loop_
_chem_comp.id
_chem_comp.type
_chem_comp.name
_chem_comp.formula
AMP non-polymer 'ADENOSINE MONOPHOSPHATE' 'C10 H14 N5 O7 P'
CG7 non-polymer '5-{[6-chloro-5-(2'-hydroxy[1,1'-biphenyl]-4-yl)-1H-imidazo[4,5-b]pyridin-2-yl]oxy}-2-methylbenzoic acid' 'C26 H18 Cl N3 O4'
GLC D-saccharide, alpha linking alpha-D-glucopyranose 'C6 H12 O6'
STU non-polymer STAUROSPORINE 'C28 H26 N4 O3'
#
# COMPACT_ATOMS: atom_id res chain seq x y z
N GLY A 22 34.22 -41.22 4.79
CA GLY A 22 32.81 -40.90 4.58
C GLY A 22 32.30 -39.85 5.54
N ARG A 23 32.52 -38.57 5.21
CA ARG A 23 32.12 -37.40 6.01
C ARG A 23 30.60 -37.18 6.10
N VAL A 24 30.19 -36.15 6.88
CA VAL A 24 28.80 -35.72 7.13
C VAL A 24 28.09 -35.35 5.81
N LYS A 25 26.94 -36.00 5.53
CA LYS A 25 26.17 -35.78 4.31
C LYS A 25 24.70 -35.44 4.58
N ILE A 26 24.19 -34.45 3.85
CA ILE A 26 22.77 -34.23 3.73
C ILE A 26 22.37 -34.18 2.26
N GLY A 27 21.39 -34.98 1.87
CA GLY A 27 20.76 -34.84 0.57
C GLY A 27 21.71 -34.82 -0.61
N HIS A 28 22.71 -35.69 -0.60
CA HIS A 28 23.69 -35.76 -1.67
C HIS A 28 24.72 -34.66 -1.53
N TYR A 29 24.66 -33.96 -0.40
CA TYR A 29 25.60 -32.87 -0.17
C TYR A 29 26.48 -33.16 1.03
N VAL A 30 27.78 -33.01 0.84
CA VAL A 30 28.74 -33.29 1.91
C VAL A 30 29.18 -31.98 2.56
N LEU A 31 28.96 -31.85 3.88
CA LEU A 31 29.34 -30.66 4.65
C LEU A 31 30.85 -30.63 4.90
N GLY A 32 31.44 -29.44 4.78
CA GLY A 32 32.86 -29.22 4.96
C GLY A 32 33.21 -28.07 5.88
N ASP A 33 34.16 -27.22 5.43
CA ASP A 33 34.68 -26.05 6.15
C ASP A 33 33.58 -25.02 6.48
N THR A 34 33.70 -24.37 7.65
CA THR A 34 32.75 -23.36 8.13
C THR A 34 33.04 -22.00 7.49
N LEU A 35 32.01 -21.40 6.85
CA LEU A 35 32.12 -20.08 6.21
C LEU A 35 32.15 -18.97 7.26
N GLY A 36 31.37 -19.15 8.32
CA GLY A 36 31.26 -18.23 9.43
C GLY A 36 30.08 -18.54 10.34
N VAL A 37 29.84 -17.69 11.33
CA VAL A 37 28.75 -17.83 12.28
C VAL A 37 27.94 -16.52 12.35
N GLY A 38 26.65 -16.61 12.04
CA GLY A 38 25.73 -15.48 12.06
C GLY A 38 25.11 -15.26 13.43
N THR A 39 24.06 -14.42 13.48
CA THR A 39 23.33 -14.11 14.73
C THR A 39 22.64 -15.36 15.29
N PHE A 40 22.14 -16.22 14.40
CA PHE A 40 21.48 -17.49 14.75
C PHE A 40 22.06 -18.59 13.86
N GLY A 41 22.72 -19.56 14.50
CA GLY A 41 23.34 -20.69 13.83
C GLY A 41 24.63 -20.39 13.09
N LYS A 42 25.21 -21.43 12.49
CA LYS A 42 26.48 -21.32 11.80
C LYS A 42 26.33 -21.79 10.36
N VAL A 43 27.06 -21.17 9.44
CA VAL A 43 27.00 -21.53 8.04
C VAL A 43 28.19 -22.37 7.66
N LYS A 44 27.93 -23.53 7.08
CA LYS A 44 28.99 -24.46 6.74
C LYS A 44 29.02 -24.74 5.25
N ILE A 45 30.21 -24.90 4.71
CA ILE A 45 30.37 -25.08 3.28
C ILE A 45 29.66 -26.36 2.87
N GLY A 46 28.95 -26.32 1.75
CA GLY A 46 28.26 -27.51 1.27
C GLY A 46 28.82 -27.95 -0.06
N GLU A 47 29.28 -29.18 -0.12
CA GLU A 47 29.88 -29.70 -1.34
C GLU A 47 29.17 -30.95 -1.82
N HIS A 48 28.81 -30.96 -3.09
CA HIS A 48 28.17 -32.14 -3.68
C HIS A 48 29.15 -33.29 -3.82
N GLN A 49 28.67 -34.50 -3.58
CA GLN A 49 29.49 -35.71 -3.71
C GLN A 49 29.58 -36.20 -5.16
N LEU A 50 28.43 -36.23 -5.86
CA LEU A 50 28.30 -36.72 -7.24
C LEU A 50 28.85 -35.76 -8.29
N THR A 51 28.44 -34.48 -8.26
CA THR A 51 28.85 -33.46 -9.24
C THR A 51 30.05 -32.64 -8.79
N GLY A 52 29.89 -31.92 -7.68
CA GLY A 52 30.91 -31.04 -7.11
C GLY A 52 30.43 -29.63 -6.90
N HIS A 53 29.09 -29.41 -7.00
CA HIS A 53 28.43 -28.12 -6.82
C HIS A 53 28.55 -27.67 -5.36
N LYS A 54 28.80 -26.36 -5.14
CA LYS A 54 28.95 -25.81 -3.81
C LYS A 54 27.79 -24.93 -3.37
N VAL A 55 27.25 -25.18 -2.17
CA VAL A 55 26.14 -24.45 -1.55
C VAL A 55 26.53 -23.98 -0.14
N ALA A 56 25.77 -23.01 0.41
CA ALA A 56 25.98 -22.53 1.78
C ALA A 56 24.86 -23.10 2.64
N VAL A 57 25.22 -23.94 3.63
CA VAL A 57 24.23 -24.58 4.49
C VAL A 57 24.20 -23.93 5.89
N LYS A 58 23.15 -23.12 6.14
CA LYS A 58 22.95 -22.45 7.41
C LYS A 58 22.24 -23.42 8.34
N ILE A 59 22.92 -23.81 9.44
CA ILE A 59 22.38 -24.77 10.41
C ILE A 59 21.80 -24.05 11.63
N LEU A 60 20.46 -23.96 11.70
CA LEU A 60 19.73 -23.32 12.80
C LEU A 60 19.28 -24.40 13.79
N ASN A 61 19.90 -24.42 14.99
CA ASN A 61 19.57 -25.37 16.04
C ASN A 61 18.19 -25.07 16.64
N ARG A 62 17.21 -25.98 16.37
CA ARG A 62 15.81 -25.88 16.80
C ARG A 62 15.64 -25.60 18.30
N GLN A 63 16.49 -26.21 19.16
CA GLN A 63 16.49 -26.02 20.61
C GLN A 63 16.90 -24.58 20.98
N LYS A 64 17.93 -24.04 20.30
CA LYS A 64 18.42 -22.67 20.52
C LYS A 64 17.43 -21.62 20.00
N ILE A 65 16.62 -21.99 18.99
CA ILE A 65 15.57 -21.14 18.41
C ILE A 65 14.36 -21.15 19.37
N ARG A 66 14.04 -22.33 19.95
CA ARG A 66 12.93 -22.51 20.89
C ARG A 66 13.24 -21.92 22.28
N SER A 67 14.53 -21.82 22.65
CA SER A 67 14.98 -21.25 23.94
C SER A 67 14.67 -19.75 24.04
N LEU A 68 14.58 -19.08 22.88
CA LEU A 68 14.25 -17.67 22.74
C LEU A 68 12.90 -17.53 22.00
N ASP A 69 12.44 -16.29 21.74
CA ASP A 69 11.19 -16.03 21.03
C ASP A 69 11.44 -15.71 19.54
N VAL A 70 12.58 -16.20 19.01
CA VAL A 70 13.01 -16.00 17.61
C VAL A 70 12.26 -16.96 16.66
N VAL A 71 11.50 -17.95 17.21
CA VAL A 71 10.72 -18.95 16.45
C VAL A 71 9.78 -18.29 15.41
N GLY A 72 9.28 -17.09 15.71
CA GLY A 72 8.43 -16.32 14.82
C GLY A 72 9.23 -15.62 13.74
N LYS A 73 10.39 -15.06 14.13
CA LYS A 73 11.32 -14.34 13.23
C LYS A 73 11.98 -15.28 12.23
N ILE A 74 12.25 -16.54 12.64
CA ILE A 74 12.85 -17.58 11.80
C ILE A 74 11.84 -18.02 10.72
N LYS A 75 10.55 -18.16 11.12
CA LYS A 75 9.44 -18.56 10.24
C LYS A 75 9.25 -17.55 9.10
N ARG A 76 9.29 -16.24 9.41
CA ARG A 76 9.13 -15.15 8.44
C ARG A 76 10.34 -15.07 7.50
N GLU A 77 11.57 -15.29 8.04
CA GLU A 77 12.83 -15.28 7.29
C GLU A 77 12.88 -16.37 6.22
N ILE A 78 12.29 -17.54 6.52
CA ILE A 78 12.21 -18.69 5.60
C ILE A 78 11.19 -18.36 4.48
N GLN A 79 10.04 -17.78 4.86
CA GLN A 79 8.97 -17.39 3.93
C GLN A 79 9.41 -16.26 2.99
N ASN A 80 10.17 -15.27 3.50
CA ASN A 80 10.66 -14.14 2.71
C ASN A 80 11.74 -14.54 1.71
N LEU A 81 12.71 -15.39 2.13
CA LEU A 81 13.80 -15.87 1.28
C LEU A 81 13.30 -16.72 0.10
N LYS A 82 12.20 -17.46 0.32
CA LYS A 82 11.56 -18.28 -0.73
C LYS A 82 10.76 -17.38 -1.68
N LEU A 83 10.16 -16.30 -1.13
CA LEU A 83 9.36 -15.31 -1.86
C LEU A 83 10.23 -14.48 -2.82
N PHE A 84 11.48 -14.18 -2.42
CA PHE A 84 12.42 -13.39 -3.23
C PHE A 84 12.94 -14.16 -4.44
N ARG A 85 13.22 -13.41 -5.53
CA ARG A 85 13.76 -13.91 -6.80
C ARG A 85 14.53 -12.76 -7.45
N HIS A 86 15.71 -12.45 -6.88
CA HIS A 86 16.57 -11.36 -7.34
C HIS A 86 18.00 -11.83 -7.63
N PRO A 87 18.64 -11.35 -8.73
CA PRO A 87 20.03 -11.79 -9.02
C PRO A 87 21.10 -11.23 -8.08
N HIS A 88 20.73 -10.28 -7.18
CA HIS A 88 21.66 -9.67 -6.24
C HIS A 88 21.27 -9.93 -4.77
N ILE A 89 20.58 -11.07 -4.54
CA ILE A 89 20.13 -11.57 -3.24
C ILE A 89 20.41 -13.08 -3.22
N ILE A 90 20.96 -13.60 -2.10
CA ILE A 90 21.29 -15.02 -1.91
C ILE A 90 20.03 -15.88 -2.08
N LYS A 91 19.99 -16.67 -3.15
CA LYS A 91 18.87 -17.54 -3.51
C LYS A 91 18.80 -18.77 -2.61
N LEU A 92 17.64 -18.99 -1.97
CA LEU A 92 17.41 -20.13 -1.10
C LEU A 92 16.89 -21.31 -1.93
N TYR A 93 17.66 -22.41 -1.98
CA TYR A 93 17.31 -23.60 -2.76
C TYR A 93 16.28 -24.49 -2.05
N GLN A 94 16.62 -24.99 -0.84
CA GLN A 94 15.73 -25.87 -0.06
C GLN A 94 16.00 -25.76 1.44
N VAL A 95 14.94 -25.91 2.25
CA VAL A 95 15.00 -25.91 3.71
C VAL A 95 14.79 -27.36 4.18
N ILE A 96 15.88 -28.05 4.53
CA ILE A 96 15.85 -29.44 4.99
C ILE A 96 15.63 -29.44 6.51
N SER A 97 14.53 -30.07 6.96
CA SER A 97 14.18 -30.15 8.37
C SER A 97 14.49 -31.52 8.96
N THR A 98 15.22 -31.54 10.09
CA THR A 98 15.56 -32.74 10.87
C THR A 98 14.99 -32.54 12.29
N PRO A 99 14.77 -33.60 13.11
CA PRO A 99 14.17 -33.39 14.45
C PRO A 99 15.02 -32.56 15.42
N THR A 100 16.35 -32.54 15.23
CA THR A 100 17.28 -31.80 16.09
C THR A 100 17.49 -30.35 15.64
N ASP A 101 17.70 -30.11 14.32
CA ASP A 101 17.98 -28.77 13.79
C ASP A 101 17.50 -28.53 12.34
N PHE A 102 17.30 -27.26 11.97
CA PHE A 102 16.90 -26.84 10.62
C PHE A 102 18.13 -26.55 9.76
N PHE A 103 18.10 -27.01 8.49
CA PHE A 103 19.18 -26.79 7.52
C PHE A 103 18.66 -25.94 6.37
N MET A 104 19.38 -24.86 6.03
CA MET A 104 19.00 -23.95 4.96
C MET A 104 20.02 -23.99 3.81
N VAL A 105 19.70 -24.77 2.77
CA VAL A 105 20.56 -24.91 1.58
C VAL A 105 20.33 -23.70 0.67
N MET A 106 21.35 -22.83 0.55
CA MET A 106 21.26 -21.61 -0.25
C MET A 106 22.51 -21.36 -1.14
N GLU A 107 22.40 -20.36 -2.03
CA GLU A 107 23.41 -19.93 -3.00
C GLU A 107 24.75 -19.58 -2.36
N TYR A 108 25.84 -20.19 -2.89
CA TYR A 108 27.20 -19.95 -2.43
C TYR A 108 27.91 -18.98 -3.37
N VAL A 109 28.66 -18.03 -2.81
CA VAL A 109 29.43 -17.04 -3.56
C VAL A 109 30.92 -17.12 -3.17
N SER A 110 31.75 -17.54 -4.13
CA SER A 110 33.20 -17.78 -3.99
C SER A 110 34.04 -16.54 -3.63
N GLY A 111 33.64 -15.37 -4.12
CA GLY A 111 34.34 -14.11 -3.91
C GLY A 111 34.50 -13.64 -2.47
N GLY A 112 33.56 -14.03 -1.61
CA GLY A 112 33.59 -13.65 -0.19
C GLY A 112 32.99 -12.28 0.09
N GLU A 113 33.05 -11.87 1.37
CA GLU A 113 32.52 -10.60 1.88
C GLU A 113 33.16 -9.35 1.25
N LEU A 114 32.35 -8.29 1.10
CA LEU A 114 32.76 -6.99 0.54
C LEU A 114 33.74 -6.26 1.47
N PHE A 115 33.58 -6.42 2.80
CA PHE A 115 34.42 -5.82 3.83
C PHE A 115 35.91 -6.18 3.67
N ASP A 116 36.19 -7.44 3.29
CA ASP A 116 37.54 -7.95 3.06
C ASP A 116 38.15 -7.35 1.77
N TYR A 117 37.29 -7.09 0.75
CA TYR A 117 37.69 -6.50 -0.53
C TYR A 117 38.10 -5.03 -0.39
N ILE A 118 37.41 -4.28 0.51
CA ILE A 118 37.70 -2.87 0.80
C ILE A 118 39.05 -2.76 1.55
N CYS A 119 39.37 -3.76 2.40
CA CYS A 119 40.62 -3.80 3.15
C CYS A 119 41.81 -4.19 2.27
N LYS A 120 41.65 -5.23 1.43
CA LYS A 120 42.69 -5.75 0.55
C LYS A 120 43.00 -4.86 -0.65
N HIS A 121 41.97 -4.57 -1.49
CA HIS A 121 42.11 -3.77 -2.70
C HIS A 121 42.07 -2.24 -2.47
N GLY A 122 41.80 -1.82 -1.24
CA GLY A 122 41.70 -0.41 -0.88
C GLY A 122 40.39 0.19 -1.34
N ARG A 123 40.41 1.47 -1.73
CA ARG A 123 39.21 2.14 -2.23
C ARG A 123 38.97 1.84 -3.71
N VAL A 124 37.76 1.34 -4.03
CA VAL A 124 37.36 0.99 -5.40
C VAL A 124 37.18 2.24 -6.26
N GLU A 125 37.58 2.15 -7.54
CA GLU A 125 37.49 3.24 -8.53
C GLU A 125 36.05 3.71 -8.70
N GLU A 126 35.85 5.03 -8.86
CA GLU A 126 34.54 5.71 -9.01
C GLU A 126 33.52 4.99 -9.91
N MET A 127 33.98 4.45 -11.07
CA MET A 127 33.14 3.74 -12.04
C MET A 127 32.81 2.31 -11.57
N GLU A 128 33.80 1.59 -11.02
CA GLU A 128 33.65 0.21 -10.52
C GLU A 128 32.82 0.15 -9.25
N ALA A 129 32.99 1.15 -8.35
CA ALA A 129 32.26 1.27 -7.09
C ALA A 129 30.80 1.64 -7.35
N ARG A 130 30.53 2.36 -8.47
CA ARG A 130 29.20 2.77 -8.93
C ARG A 130 28.39 1.53 -9.33
N ARG A 131 29.01 0.63 -10.12
CA ARG A 131 28.42 -0.63 -10.60
C ARG A 131 27.99 -1.52 -9.42
N LEU A 132 28.85 -1.62 -8.38
CA LEU A 132 28.58 -2.39 -7.16
C LEU A 132 27.47 -1.73 -6.32
N PHE A 133 27.41 -0.38 -6.34
CA PHE A 133 26.39 0.37 -5.62
C PHE A 133 25.03 0.28 -6.32
N GLN A 134 25.04 0.18 -7.67
CA GLN A 134 23.83 0.06 -8.48
C GLN A 134 23.18 -1.30 -8.21
N GLN A 135 23.99 -2.36 -8.09
CA GLN A 135 23.56 -3.74 -7.81
C GLN A 135 23.03 -3.89 -6.38
N ILE A 136 23.72 -3.29 -5.38
CA ILE A 136 23.33 -3.35 -3.97
C ILE A 136 22.00 -2.61 -3.72
N LEU A 137 21.79 -1.46 -4.39
CA LEU A 137 20.58 -0.65 -4.26
C LEU A 137 19.39 -1.32 -4.96
N SER A 138 19.65 -2.07 -6.05
CA SER A 138 18.64 -2.81 -6.83
C SER A 138 18.00 -3.90 -5.95
N ALA A 139 18.82 -4.54 -5.09
CA ALA A 139 18.41 -5.58 -4.15
C ALA A 139 17.64 -4.98 -2.97
N VAL A 140 18.05 -3.77 -2.51
CA VAL A 140 17.40 -3.03 -1.42
C VAL A 140 16.01 -2.56 -1.89
N ASP A 141 15.92 -2.10 -3.16
CA ASP A 141 14.68 -1.66 -3.80
C ASP A 141 13.70 -2.83 -3.96
N TYR A 142 14.22 -4.03 -4.33
CA TYR A 142 13.45 -5.26 -4.50
C TYR A 142 12.82 -5.70 -3.18
N CYS A 143 13.56 -5.52 -2.06
CA CYS A 143 13.11 -5.87 -0.72
C CYS A 143 11.95 -4.96 -0.27
N HIS A 144 12.07 -3.64 -0.55
CA HIS A 144 11.05 -2.63 -0.23
C HIS A 144 9.74 -2.83 -0.98
N ARG A 145 9.80 -3.39 -2.21
CA ARG A 145 8.63 -3.69 -3.04
C ARG A 145 7.81 -4.83 -2.44
N HIS A 146 8.50 -5.80 -1.79
CA HIS A 146 7.89 -6.97 -1.16
C HIS A 146 7.62 -6.77 0.35
N MET A 147 7.67 -5.50 0.81
CA MET A 147 7.42 -5.03 2.18
C MET A 147 8.35 -5.68 3.25
N VAL A 148 9.63 -5.89 2.89
CA VAL A 148 10.65 -6.47 3.77
C VAL A 148 11.82 -5.47 3.90
N VAL A 149 12.27 -5.19 5.13
CA VAL A 149 13.37 -4.25 5.36
C VAL A 149 14.55 -4.94 6.05
N HIS A 150 15.67 -5.08 5.31
CA HIS A 150 16.91 -5.68 5.81
C HIS A 150 17.62 -4.62 6.65
N ARG A 151 17.34 -4.62 7.96
CA ARG A 151 17.85 -3.64 8.92
C ARG A 151 19.36 -3.72 9.20
N ASP A 152 20.01 -4.87 8.89
CA ASP A 152 21.45 -5.05 9.14
C ASP A 152 22.31 -4.98 7.85
N LEU A 153 22.18 -3.87 7.09
CA LEU A 153 22.96 -3.66 5.86
C LEU A 153 24.37 -3.15 6.20
N LYS A 154 25.40 -3.94 5.80
CA LYS A 154 26.82 -3.65 6.03
C LYS A 154 27.72 -4.48 5.07
N PRO A 155 28.96 -4.02 4.73
CA PRO A 155 29.81 -4.81 3.81
C PRO A 155 30.17 -6.21 4.31
N GLU A 156 29.93 -6.49 5.60
CA GLU A 156 30.16 -7.80 6.23
C GLU A 156 29.03 -8.75 5.79
N ASN A 157 27.78 -8.23 5.73
CA ASN A 157 26.59 -8.98 5.31
C ASN A 157 26.44 -9.03 3.78
N VAL A 158 27.15 -8.14 3.06
CA VAL A 158 27.12 -8.07 1.60
C VAL A 158 28.29 -8.88 1.02
N LEU A 159 27.98 -9.89 0.22
CA LEU A 159 28.95 -10.81 -0.38
C LEU A 159 29.13 -10.62 -1.88
N LEU A 160 30.25 -11.13 -2.41
CA LEU A 160 30.63 -11.06 -3.83
C LEU A 160 30.96 -12.46 -4.36
N ASP A 161 30.96 -12.63 -5.69
CA ASP A 161 31.29 -13.89 -6.35
C ASP A 161 32.59 -13.78 -7.17
N ALA A 162 32.90 -14.79 -8.00
CA ALA A 162 34.09 -14.83 -8.86
C ALA A 162 34.04 -13.78 -9.98
N HIS A 163 32.83 -13.42 -10.45
CA HIS A 163 32.61 -12.44 -11.51
C HIS A 163 32.35 -11.02 -10.97
N MET A 164 32.53 -10.83 -9.63
CA MET A 164 32.37 -9.58 -8.88
C MET A 164 30.97 -8.96 -9.03
N ASN A 165 29.99 -9.53 -8.29
CA ASN A 165 28.60 -9.06 -8.27
C ASN A 165 28.07 -9.15 -6.83
N ALA A 166 27.46 -8.04 -6.35
CA ALA A 166 26.91 -7.92 -5.00
C ALA A 166 25.76 -8.89 -4.74
N LYS A 167 25.74 -9.48 -3.53
CA LYS A 167 24.72 -10.43 -3.06
C LYS A 167 24.46 -10.16 -1.58
N ILE A 168 23.20 -9.83 -1.22
CA ILE A 168 22.82 -9.53 0.17
C ILE A 168 22.38 -10.80 0.91
N ALA A 169 23.00 -11.05 2.09
CA ALA A 169 22.72 -12.19 2.96
C ALA A 169 22.41 -11.77 4.40
N ASP A 170 22.16 -12.76 5.30
CA ASP A 170 21.84 -12.61 6.72
C ASP A 170 20.55 -11.78 6.95
N PHE A 171 19.40 -12.39 6.64
CA PHE A 171 18.07 -11.77 6.80
C PHE A 171 17.47 -11.99 8.20
N GLY A 172 18.31 -12.42 9.16
CA GLY A 172 17.92 -12.68 10.54
C GLY A 172 17.54 -11.45 11.35
N LEU A 173 17.89 -10.25 10.85
CA LEU A 173 17.61 -8.97 11.48
C LEU A 173 16.55 -8.16 10.70
N SER A 174 15.99 -8.75 9.62
CA SER A 174 14.97 -8.11 8.78
C SER A 174 13.57 -8.25 9.37
N ASN A 175 12.71 -7.22 9.16
CA ASN A 175 11.34 -7.20 9.65
C ASN A 175 10.34 -6.71 8.60
N MET A 176 9.09 -7.21 8.69
CA MET A 176 8.00 -6.88 7.78
C MET A 176 7.49 -5.45 7.94
N MET A 177 7.02 -4.86 6.82
CA MET A 177 6.48 -3.49 6.78
C MET A 177 4.95 -3.52 6.95
N SER A 178 4.49 -3.32 8.20
CA SER A 178 3.06 -3.32 8.53
C SER A 178 2.44 -1.94 8.34
N ASP A 179 1.21 -1.89 7.80
CA ASP A 179 0.48 -0.65 7.56
C ASP A 179 0.05 0.00 8.88
N GLY A 180 0.53 1.21 9.11
CA GLY A 180 0.26 1.98 10.33
C GLY A 180 1.03 1.50 11.54
N GLU A 181 2.29 1.06 11.32
CA GLU A 181 3.18 0.57 12.37
C GLU A 181 4.63 1.03 12.17
N PHE A 182 5.28 1.45 13.26
CA PHE A 182 6.67 1.92 13.26
C PHE A 182 7.55 0.99 14.07
N LEU A 183 8.67 0.57 13.52
CA LEU A 183 9.51 -0.41 14.19
C LEU A 183 10.65 0.25 14.94
N ARG A 184 10.65 0.07 16.26
CA ARG A 184 11.65 0.67 17.12
C ARG A 184 12.82 -0.25 17.47
N TPO A 185 12.76 -1.49 17.00
CA TPO A 185 13.81 -2.43 17.36
CB TPO A 185 13.51 -3.81 16.81
CG2 TPO A 185 14.57 -4.79 17.28
OG1 TPO A 185 12.21 -4.22 17.26
P TPO A 185 11.80 -5.76 17.37
O1P TPO A 185 12.66 -6.44 16.32
O2P TPO A 185 12.14 -6.15 18.79
O3P TPO A 185 10.32 -5.77 17.07
C TPO A 185 15.09 -1.90 16.80
O TPO A 185 15.09 -1.30 15.71
N SER A 186 16.18 -2.06 17.53
CA SER A 186 17.46 -1.49 17.11
C SER A 186 18.54 -2.54 16.88
N CYS A 187 19.20 -2.44 15.72
CA CYS A 187 20.30 -3.33 15.37
C CYS A 187 21.55 -3.08 16.20
N GLY A 188 22.32 -4.14 16.43
CA GLY A 188 23.52 -4.06 17.24
C GLY A 188 24.63 -3.18 16.73
N SER A 189 24.90 -3.23 15.43
CA SER A 189 26.02 -2.46 14.88
C SER A 189 25.82 -0.95 15.09
N PRO A 190 26.72 -0.26 15.85
CA PRO A 190 26.55 1.20 16.06
C PRO A 190 26.74 1.99 14.77
N ASN A 191 27.65 1.54 13.91
CA ASN A 191 27.92 2.10 12.59
C ASN A 191 26.86 1.53 11.64
N TYR A 192 26.69 2.14 10.44
CA TYR A 192 25.72 1.75 9.40
C TYR A 192 24.24 1.97 9.82
N ALA A 193 24.00 2.34 11.10
CA ALA A 193 22.67 2.58 11.65
C ALA A 193 22.34 4.07 11.63
N ALA A 194 21.15 4.41 11.09
CA ALA A 194 20.61 5.77 10.95
C ALA A 194 20.51 6.54 12.30
N PRO A 195 20.52 7.90 12.30
CA PRO A 195 20.44 8.64 13.58
C PRO A 195 19.25 8.31 14.47
N GLU A 196 18.13 7.86 13.87
CA GLU A 196 16.91 7.46 14.61
C GLU A 196 17.09 6.11 15.31
N VAL A 197 17.96 5.23 14.78
CA VAL A 197 18.25 3.90 15.32
C VAL A 197 19.11 4.00 16.59
N ILE A 198 20.20 4.81 16.53
CA ILE A 198 21.13 5.01 17.65
C ILE A 198 20.44 5.78 18.81
N SER A 199 19.43 6.61 18.49
CA SER A 199 18.64 7.37 19.47
C SER A 199 17.54 6.48 20.06
N GLY A 200 17.18 5.41 19.35
CA GLY A 200 16.16 4.46 19.74
C GLY A 200 14.75 4.99 19.57
N ARG A 201 14.53 5.81 18.53
CA ARG A 201 13.23 6.43 18.24
C ARG A 201 12.48 5.65 17.15
N LEU A 202 11.13 5.80 17.11
CA LEU A 202 10.25 5.13 16.16
C LEU A 202 10.49 5.61 14.73
N TYR A 203 10.55 4.67 13.77
CA TYR A 203 10.82 4.96 12.36
C TYR A 203 10.10 4.00 11.41
N ALA A 204 10.09 4.36 10.12
CA ALA A 204 9.58 3.53 9.03
C ALA A 204 10.83 2.87 8.41
N GLY A 205 10.66 1.63 7.97
CA GLY A 205 11.72 0.80 7.39
C GLY A 205 12.62 1.33 6.27
N PRO A 206 12.09 1.91 5.16
CA PRO A 206 12.97 2.30 4.03
C PRO A 206 14.07 3.32 4.33
N GLU A 207 13.81 4.35 5.16
CA GLU A 207 14.76 5.43 5.49
C GLU A 207 16.09 4.95 6.06
N VAL A 208 16.06 3.89 6.89
CA VAL A 208 17.26 3.31 7.52
C VAL A 208 18.12 2.61 6.47
N ASP A 209 17.49 1.86 5.54
CA ASP A 209 18.15 1.14 4.46
C ASP A 209 18.90 2.06 3.49
N ILE A 210 18.39 3.29 3.29
CA ILE A 210 19.01 4.31 2.44
C ILE A 210 20.24 4.90 3.16
N TRP A 211 20.12 5.18 4.48
CA TRP A 211 21.22 5.67 5.32
C TRP A 211 22.32 4.62 5.38
N SER A 212 21.93 3.33 5.49
CA SER A 212 22.81 2.16 5.51
C SER A 212 23.52 1.98 4.16
N CYS A 213 22.87 2.43 3.06
CA CYS A 213 23.42 2.37 1.71
C CYS A 213 24.40 3.51 1.45
N GLY A 214 24.14 4.67 2.06
CA GLY A 214 24.98 5.86 1.96
C GLY A 214 26.35 5.66 2.57
N VAL A 215 26.40 5.04 3.76
CA VAL A 215 27.62 4.70 4.49
C VAL A 215 28.40 3.60 3.73
N ILE A 216 27.68 2.67 3.05
CA ILE A 216 28.26 1.62 2.22
C ILE A 216 28.88 2.28 0.97
N LEU A 217 28.17 3.26 0.36
CA LEU A 217 28.65 4.03 -0.79
C LEU A 217 29.95 4.77 -0.43
N TYR A 218 30.04 5.30 0.81
CA TYR A 218 31.22 5.98 1.33
C TYR A 218 32.35 4.96 1.57
N ALA A 219 31.99 3.74 2.01
CA ALA A 219 32.95 2.66 2.30
C ALA A 219 33.78 2.19 1.11
N LEU A 220 33.16 1.86 -0.04
CA LEU A 220 33.95 1.42 -1.20
C LEU A 220 34.59 2.59 -1.97
N LEU A 221 34.07 3.83 -1.81
CA LEU A 221 34.63 5.00 -2.50
C LEU A 221 35.82 5.63 -1.79
N CYS A 222 35.77 5.70 -0.45
CA CYS A 222 36.83 6.31 0.36
C CYS A 222 37.78 5.30 1.01
N GLY A 223 37.25 4.13 1.38
CA GLY A 223 38.03 3.07 2.03
C GLY A 223 37.77 3.00 3.52
N THR A 224 37.40 4.14 4.13
CA THR A 224 37.12 4.28 5.56
C THR A 224 35.63 4.62 5.81
N LEU A 225 35.24 4.68 7.10
CA LEU A 225 33.88 5.01 7.52
C LEU A 225 33.71 6.53 7.70
N PRO A 226 32.53 7.12 7.37
CA PRO A 226 32.38 8.58 7.54
C PRO A 226 32.25 9.02 9.00
N PHE A 227 31.66 8.16 9.85
CA PHE A 227 31.47 8.40 11.28
C PHE A 227 32.11 7.26 12.08
N ASP A 228 33.33 7.49 12.58
CA ASP A 228 34.09 6.49 13.34
C ASP A 228 34.79 7.11 14.55
N ASP A 229 34.69 6.42 15.71
CA ASP A 229 35.30 6.85 16.97
C ASP A 229 35.57 5.64 17.89
N GLU A 230 36.50 5.80 18.86
CA GLU A 230 36.90 4.77 19.82
C GLU A 230 35.73 4.43 20.77
N HIS A 231 35.29 5.40 21.59
CA HIS A 231 34.19 5.20 22.54
C HIS A 231 32.83 5.58 21.95
N VAL A 232 31.79 4.84 22.35
CA VAL A 232 30.40 4.93 21.92
C VAL A 232 29.77 6.35 22.10
N PRO A 233 29.91 7.09 23.24
CA PRO A 233 29.24 8.42 23.35
C PRO A 233 29.61 9.46 22.29
N THR A 234 30.90 9.59 21.94
CA THR A 234 31.36 10.55 20.92
C THR A 234 30.96 10.14 19.50
N LEU A 235 30.81 8.82 19.26
CA LEU A 235 30.40 8.25 17.98
C LEU A 235 28.94 8.64 17.68
N PHE A 236 28.07 8.58 18.71
CA PHE A 236 26.65 8.93 18.64
C PHE A 236 26.46 10.43 18.36
N LYS A 237 27.37 11.27 18.89
CA LYS A 237 27.37 12.73 18.71
C LYS A 237 27.69 13.09 17.25
N LYS A 238 28.55 12.28 16.60
CA LYS A 238 28.95 12.46 15.20
C LYS A 238 27.83 12.09 14.24
N ILE A 239 27.08 11.01 14.56
CA ILE A 239 25.95 10.51 13.75
C ILE A 239 24.75 11.49 13.85
N ARG A 240 24.44 11.98 15.06
CA ARG A 240 23.36 12.93 15.32
C ARG A 240 23.64 14.31 14.68
N GLY A 241 24.92 14.66 14.59
CA GLY A 241 25.38 15.90 13.97
C GLY A 241 25.30 15.84 12.46
N GLY A 242 25.60 14.66 11.90
CA GLY A 242 25.56 14.38 10.48
C GLY A 242 26.65 15.05 9.65
N VAL A 243 27.76 15.46 10.31
CA VAL A 243 28.89 16.11 9.65
C VAL A 243 29.96 15.06 9.35
N PHE A 244 30.20 14.82 8.05
CA PHE A 244 31.19 13.86 7.56
C PHE A 244 32.18 14.51 6.60
N TYR A 245 33.42 14.00 6.57
CA TYR A 245 34.50 14.51 5.72
C TYR A 245 34.24 14.16 4.24
N ILE A 246 34.44 15.15 3.35
CA ILE A 246 34.26 14.98 1.91
C ILE A 246 35.65 15.11 1.23
N PRO A 247 36.25 13.97 0.79
CA PRO A 247 37.59 14.04 0.17
C PRO A 247 37.65 14.78 -1.16
N GLU A 248 38.87 15.23 -1.52
CA GLU A 248 39.17 15.99 -2.73
C GLU A 248 39.09 15.19 -4.04
N TYR A 249 39.38 13.86 -4.00
CA TYR A 249 39.39 13.02 -5.20
C TYR A 249 38.00 12.77 -5.82
N LEU A 250 36.95 12.60 -5.00
CA LEU A 250 35.60 12.34 -5.53
C LEU A 250 34.95 13.62 -6.08
N ASN A 251 34.36 13.51 -7.29
CA ASN A 251 33.71 14.59 -8.04
C ASN A 251 32.50 15.24 -7.35
N ARG A 252 32.07 16.40 -7.89
CA ARG A 252 30.95 17.21 -7.40
C ARG A 252 29.59 16.48 -7.47
N SER A 253 29.40 15.63 -8.51
CA SER A 253 28.16 14.88 -8.72
C SER A 253 27.93 13.80 -7.66
N VAL A 254 28.95 12.98 -7.36
CA VAL A 254 28.86 11.91 -6.36
C VAL A 254 28.80 12.48 -4.92
N ALA A 255 29.43 13.65 -4.69
CA ALA A 255 29.46 14.34 -3.39
C ALA A 255 28.07 14.80 -2.96
N THR A 256 27.23 15.25 -3.92
CA THR A 256 25.85 15.71 -3.67
C THR A 256 24.93 14.54 -3.30
N LEU A 257 25.21 13.34 -3.83
CA LEU A 257 24.43 12.12 -3.56
C LEU A 257 24.68 11.65 -2.13
N LEU A 258 25.96 11.55 -1.70
CA LEU A 258 26.37 11.12 -0.35
C LEU A 258 25.79 12.02 0.75
N MET A 259 25.68 13.33 0.47
CA MET A 259 25.14 14.34 1.38
C MET A 259 23.62 14.16 1.52
N HIS A 260 22.93 13.88 0.39
CA HIS A 260 21.47 13.66 0.34
C HIS A 260 21.09 12.31 0.94
N MET A 261 21.98 11.31 0.84
CA MET A 261 21.77 9.96 1.37
C MET A 261 22.02 9.87 2.88
N LEU A 262 22.98 10.66 3.40
CA LEU A 262 23.33 10.67 4.82
C LEU A 262 22.84 11.96 5.51
N GLN A 263 21.51 12.06 5.68
CA GLN A 263 20.84 13.19 6.31
C GLN A 263 20.32 12.80 7.70
N VAL A 264 20.34 13.76 8.65
CA VAL A 264 19.87 13.56 10.03
C VAL A 264 18.35 13.40 10.03
N ASP A 265 17.65 14.31 9.32
CA ASP A 265 16.19 14.31 9.18
C ASP A 265 15.74 13.17 8.25
N PRO A 266 14.81 12.29 8.68
CA PRO A 266 14.39 11.18 7.80
C PRO A 266 13.54 11.60 6.60
N LEU A 267 12.89 12.77 6.67
CA LEU A 267 12.05 13.33 5.60
C LEU A 267 12.89 14.08 4.56
N LYS A 268 14.00 14.70 4.99
CA LYS A 268 14.92 15.44 4.13
C LYS A 268 15.87 14.49 3.37
N ARG A 269 16.01 13.25 3.87
CA ARG A 269 16.86 12.19 3.32
C ARG A 269 16.36 11.72 1.95
N ALA A 270 17.28 11.20 1.11
CA ALA A 270 17.01 10.68 -0.23
C ALA A 270 16.18 9.39 -0.17
N THR A 271 15.41 9.10 -1.24
CA THR A 271 14.59 7.89 -1.35
C THR A 271 15.02 7.08 -2.57
N ILE A 272 14.45 5.86 -2.75
CA ILE A 272 14.73 4.95 -3.87
C ILE A 272 14.49 5.63 -5.23
N LYS A 273 13.50 6.54 -5.30
CA LYS A 273 13.15 7.31 -6.50
C LYS A 273 14.16 8.46 -6.72
N ASP A 274 14.68 9.06 -5.63
CA ASP A 274 15.66 10.15 -5.67
C ASP A 274 17.00 9.71 -6.24
N ILE A 275 17.49 8.53 -5.82
CA ILE A 275 18.77 7.95 -6.27
C ILE A 275 18.69 7.56 -7.75
N ARG A 276 17.57 6.94 -8.18
CA ARG A 276 17.33 6.53 -9.58
C ARG A 276 17.28 7.71 -10.54
N GLU A 277 16.83 8.90 -10.05
CA GLU A 277 16.73 10.15 -10.81
C GLU A 277 18.05 10.93 -10.85
N HIS A 278 19.03 10.56 -9.99
CA HIS A 278 20.34 11.21 -9.89
C HIS A 278 21.21 10.96 -11.13
N GLU A 279 21.96 12.00 -11.55
CA GLU A 279 22.84 11.99 -12.73
C GLU A 279 24.00 11.00 -12.66
N TRP A 280 24.66 10.88 -11.49
CA TRP A 280 25.79 9.97 -11.29
C TRP A 280 25.36 8.50 -11.30
N PHE A 281 24.18 8.21 -10.72
CA PHE A 281 23.61 6.86 -10.64
C PHE A 281 23.02 6.39 -11.98
N LYS A 282 22.47 7.32 -12.79
CA LYS A 282 21.86 7.05 -14.09
C LYS A 282 22.85 6.47 -15.11
N GLN A 283 24.11 6.95 -15.08
CA GLN A 283 25.19 6.48 -15.96
C GLN A 283 25.65 5.10 -15.49
N GLY A 284 26.07 4.23 -16.44
CA GLY A 284 26.54 2.85 -16.23
C GLY A 284 25.45 1.89 -15.66
N LEU A 285 24.19 2.39 -15.56
CA LEU A 285 23.06 1.60 -15.04
C LEU A 285 22.51 0.63 -16.11
N PRO A 286 22.51 -0.69 -15.83
CA PRO A 286 21.98 -1.65 -16.82
C PRO A 286 20.45 -1.66 -16.88
N SER A 287 19.90 -2.22 -17.97
CA SER A 287 18.46 -2.28 -18.23
C SER A 287 17.69 -3.28 -17.37
N TYR A 288 18.34 -4.40 -16.98
CA TYR A 288 17.71 -5.47 -16.18
C TYR A 288 17.57 -5.15 -14.68
N LEU A 289 18.24 -4.09 -14.19
CA LEU A 289 18.23 -3.70 -12.77
C LEU A 289 16.88 -3.22 -12.25
N PHE A 290 16.23 -2.25 -12.92
CA PHE A 290 14.94 -1.73 -12.50
C PHE A 290 13.84 -1.90 -13.58
N PRO A 291 13.24 -3.12 -13.70
CA PRO A 291 12.21 -3.30 -14.73
C PRO A 291 10.82 -2.84 -14.30
N GLU A 292 10.00 -2.38 -15.27
CA GLU A 292 8.64 -1.89 -15.03
C GLU A 292 7.57 -2.89 -15.46
N ASP A 293 7.64 -3.37 -16.71
CA ASP A 293 6.69 -4.35 -17.26
C ASP A 293 6.81 -5.76 -16.64
N PRO A 294 8.01 -6.39 -16.52
CA PRO A 294 8.07 -7.73 -15.90
C PRO A 294 8.14 -7.73 -14.36
N SER A 295 7.64 -6.64 -13.73
CA SER A 295 7.61 -6.48 -12.27
C SER A 295 6.51 -7.36 -11.63
N TYR A 296 5.48 -7.72 -12.42
CA TYR A 296 4.37 -8.57 -11.98
C TYR A 296 4.80 -10.03 -11.80
N ASP A 297 5.69 -10.49 -12.66
CA ASP A 297 6.19 -11.86 -12.57
C ASP A 297 7.46 -11.88 -11.72
N ALA A 298 7.86 -10.71 -11.24
CA ALA A 298 9.12 -10.58 -10.53
C ALA A 298 9.12 -11.43 -9.26
N ASN A 299 8.01 -11.45 -8.55
CA ASN A 299 7.95 -12.25 -7.34
C ASN A 299 7.63 -13.69 -7.68
N VAL A 300 8.47 -14.61 -7.21
CA VAL A 300 8.31 -16.02 -7.48
C VAL A 300 7.04 -16.60 -6.89
N ILE A 301 6.71 -16.16 -5.68
CA ILE A 301 5.80 -16.90 -4.82
C ILE A 301 4.41 -17.13 -5.39
N ASP A 302 3.80 -16.10 -5.97
CA ASP A 302 2.44 -16.29 -6.49
C ASP A 302 1.92 -15.27 -7.48
N ASP A 303 0.86 -15.67 -8.17
CA ASP A 303 -0.05 -14.74 -8.82
C ASP A 303 -0.84 -14.13 -7.67
N GLU A 304 -1.38 -12.93 -7.86
CA GLU A 304 -2.05 -12.27 -6.75
C GLU A 304 -3.18 -13.16 -6.27
N ALA A 305 -3.30 -13.30 -4.95
CA ALA A 305 -4.29 -14.20 -4.39
C ALA A 305 -5.69 -13.72 -4.77
N VAL A 306 -5.88 -12.41 -4.71
CA VAL A 306 -7.14 -11.83 -5.15
C VAL A 306 -7.29 -12.09 -6.63
N LYS A 307 -6.19 -12.01 -7.35
CA LYS A 307 -6.19 -12.19 -8.80
C LYS A 307 -6.66 -13.59 -9.18
N GLU A 308 -6.24 -14.58 -8.42
CA GLU A 308 -6.65 -15.94 -8.71
C GLU A 308 -8.15 -16.09 -8.58
N VAL A 309 -8.72 -15.46 -7.55
CA VAL A 309 -10.15 -15.58 -7.32
C VAL A 309 -10.97 -15.00 -8.46
N CYS A 310 -10.57 -13.83 -8.95
CA CYS A 310 -11.26 -13.23 -10.11
C CYS A 310 -11.42 -14.23 -11.27
N GLU A 311 -10.39 -15.08 -11.49
CA GLU A 311 -10.41 -16.12 -12.52
C GLU A 311 -11.26 -17.30 -12.07
N LYS A 312 -11.36 -17.54 -10.75
CA LYS A 312 -12.13 -18.62 -10.15
C LYS A 312 -13.64 -18.33 -10.12
N PHE A 313 -14.02 -17.07 -9.79
CA PHE A 313 -15.41 -16.63 -9.72
C PHE A 313 -16.06 -16.45 -11.11
N GLU A 314 -15.23 -16.28 -12.16
CA GLU A 314 -15.68 -16.09 -13.54
C GLU A 314 -15.85 -17.39 -14.34
N CYS A 315 -15.01 -18.39 -14.08
CA CYS A 315 -15.06 -19.62 -14.86
C CYS A 315 -15.08 -20.90 -14.03
N THR A 316 -14.05 -21.09 -13.21
CA THR A 316 -13.84 -22.36 -12.53
C THR A 316 -13.51 -22.24 -11.05
N GLU A 317 -13.71 -23.34 -10.33
CA GLU A 317 -13.46 -23.39 -8.89
C GLU A 317 -11.98 -23.20 -8.57
N SER A 318 -11.71 -22.63 -7.40
CA SER A 318 -10.36 -22.29 -6.98
C SER A 318 -9.49 -23.53 -6.87
N GLU A 319 -8.21 -23.37 -7.21
CA GLU A 319 -7.24 -24.46 -7.29
C GLU A 319 -7.36 -25.14 -8.66
N VAL A 320 -8.23 -24.59 -9.50
CA VAL A 320 -8.43 -25.09 -10.85
C VAL A 320 -7.23 -24.84 -11.74
N MET A 321 -6.96 -25.79 -12.63
CA MET A 321 -5.91 -25.64 -13.63
C MET A 321 -4.54 -25.49 -13.00
N ASN A 322 -4.37 -26.08 -11.82
CA ASN A 322 -3.08 -26.04 -11.16
C ASN A 322 -2.07 -26.77 -12.03
N SER A 323 -2.50 -27.91 -12.55
CA SER A 323 -1.74 -28.63 -13.55
C SER A 323 -1.67 -27.75 -14.78
N LEU A 324 -2.78 -27.07 -15.05
CA LEU A 324 -2.90 -26.23 -16.23
C LEU A 324 -1.86 -25.13 -16.20
N TYR A 325 -1.62 -24.55 -15.03
CA TYR A 325 -0.64 -23.48 -14.94
C TYR A 325 0.74 -23.99 -15.34
N SER A 326 1.08 -25.19 -14.88
CA SER A 326 2.32 -25.84 -15.30
C SER A 326 2.23 -26.18 -16.78
N GLY A 327 1.07 -26.67 -17.20
CA GLY A 327 0.86 -27.09 -18.58
C GLY A 327 0.95 -25.96 -19.58
N ASP A 328 0.37 -24.82 -19.22
CA ASP A 328 0.28 -23.66 -20.11
C ASP A 328 -0.90 -23.82 -21.09
N PRO A 329 -1.70 -24.96 -20.91
CA PRO A 329 -2.78 -25.06 -21.91
C PRO A 329 -3.79 -23.92 -21.78
N GLN A 330 -4.14 -23.59 -20.54
CA GLN A 330 -5.15 -22.58 -20.28
C GLN A 330 -5.62 -22.66 -18.83
N ALA A 336 -4.59 -17.97 -19.48
CA ALA A 336 -5.92 -17.50 -19.08
C ALA A 336 -5.84 -16.47 -17.95
N TYR A 337 -5.19 -16.83 -16.82
CA TYR A 337 -4.99 -15.96 -15.66
C TYR A 337 -3.88 -14.94 -15.94
N HIS A 338 -2.92 -15.34 -16.81
CA HIS A 338 -1.78 -14.51 -17.22
C HIS A 338 -2.23 -13.32 -18.06
N LEU A 339 -3.35 -13.46 -18.80
CA LEU A 339 -3.96 -12.40 -19.63
C LEU A 339 -4.53 -11.29 -18.74
N ILE A 340 -5.05 -11.67 -17.56
CA ILE A 340 -5.61 -10.75 -16.56
C ILE A 340 -4.48 -9.98 -15.86
N ILE A 341 -3.35 -10.67 -15.57
CA ILE A 341 -2.17 -10.10 -14.93
C ILE A 341 -1.43 -9.13 -15.85
N ASP A 342 -1.41 -9.44 -17.17
CA ASP A 342 -0.79 -8.61 -18.21
C ASP A 342 -1.61 -7.34 -18.43
N ASN A 343 -2.95 -7.43 -18.25
CA ASN A 343 -3.90 -6.32 -18.36
C ASN A 343 -3.70 -5.32 -17.22
N ARG A 344 -3.28 -5.83 -16.03
CA ARG A 344 -3.00 -5.04 -14.83
C ARG A 344 -1.76 -4.17 -15.02
N ARG A 345 -0.78 -4.65 -15.82
CA ARG A 345 0.46 -3.95 -16.16
C ARG A 345 0.18 -2.73 -17.04
N ILE A 346 -0.82 -2.83 -17.94
CA ILE A 346 -1.25 -1.77 -18.85
C ILE A 346 -1.95 -0.67 -18.04
N MET A 347 -2.76 -1.08 -17.03
CA MET A 347 -3.48 -0.18 -16.12
C MET A 347 -2.50 0.55 -15.19
N ASN A 348 -1.40 -0.11 -14.80
CA ASN A 348 -0.35 0.43 -13.95
C ASN A 348 0.63 1.31 -14.74
N GLN A 349 0.67 1.14 -16.10
CA GLN A 349 1.55 1.90 -17.00
C GLN A 349 1.16 3.38 -17.07
N ALA A 350 -0.15 3.68 -17.21
CA ALA A 350 -0.66 5.04 -17.27
C ALA A 350 -0.76 5.62 -15.86
N SER A 351 0.13 6.59 -15.55
CA SER A 351 0.21 7.24 -14.24
C SER A 351 -0.84 8.31 -14.03
N GLU A 352 -1.12 9.13 -15.07
CA GLU A 352 -2.08 10.25 -15.05
C GLU A 352 -3.55 9.86 -14.77
N PHE A 353 -3.93 8.60 -15.07
CA PHE A 353 -5.29 8.10 -14.88
C PHE A 353 -5.53 7.53 -13.47
N TYR A 354 -4.55 6.83 -12.91
CA TYR A 354 -4.64 6.19 -11.59
C TYR A 354 -4.06 7.01 -10.42
N LEU A 355 -3.11 7.92 -10.70
CA LEU A 355 -2.47 8.73 -9.66
C LEU A 355 -2.33 10.21 -10.01
N ALA A 356 -2.31 11.08 -8.97
CA ALA A 356 -2.16 12.53 -9.12
C ALA A 356 -0.74 12.98 -8.82
N SER A 357 -0.24 13.95 -9.60
CA SER A 357 1.10 14.51 -9.46
C SER A 357 1.06 15.83 -8.70
N SER A 358 2.00 16.02 -7.76
CA SER A 358 2.13 17.24 -6.96
C SER A 358 3.33 18.07 -7.42
N PRO A 359 3.16 19.40 -7.64
CA PRO A 359 4.30 20.21 -8.13
C PRO A 359 5.36 20.48 -7.05
N LEU A 376 0.92 24.36 -17.24
CA LEU A 376 -0.15 23.38 -17.33
C LEU A 376 -1.52 24.03 -17.36
N LYS A 377 -2.38 23.61 -18.32
CA LYS A 377 -3.74 24.12 -18.50
C LYS A 377 -4.67 23.65 -17.35
N PRO A 378 -5.56 24.52 -16.82
CA PRO A 378 -6.42 24.09 -15.71
C PRO A 378 -7.49 23.06 -16.09
N HIS A 379 -7.75 22.11 -15.16
CA HIS A 379 -8.73 21.04 -15.31
C HIS A 379 -10.15 21.63 -15.26
N PRO A 380 -11.11 21.16 -16.10
CA PRO A 380 -12.46 21.75 -16.07
C PRO A 380 -13.26 21.54 -14.78
N GLU A 381 -12.93 20.48 -14.00
CA GLU A 381 -13.60 20.16 -12.74
C GLU A 381 -12.97 20.85 -11.52
N ARG A 382 -11.97 21.74 -11.73
CA ARG A 382 -11.31 22.48 -10.65
C ARG A 382 -12.21 23.61 -10.17
N MET A 383 -12.47 23.64 -8.84
CA MET A 383 -13.36 24.62 -8.20
C MET A 383 -12.63 25.90 -7.76
N PRO A 384 -13.25 27.09 -7.91
CA PRO A 384 -12.59 28.33 -7.48
C PRO A 384 -12.51 28.46 -5.96
N PRO A 385 -11.50 29.18 -5.38
CA PRO A 385 -11.41 29.29 -3.92
C PRO A 385 -12.55 30.07 -3.26
N LEU A 386 -13.00 29.58 -2.09
CA LEU A 386 -14.09 30.16 -1.30
C LEU A 386 -13.67 31.49 -0.65
N ILE A 387 -14.58 32.48 -0.66
CA ILE A 387 -14.35 33.81 -0.07
C ILE A 387 -15.00 33.88 1.32
N ALA A 388 -14.22 34.32 2.32
CA ALA A 388 -14.65 34.45 3.72
C ALA A 388 -15.64 35.62 3.90
N LYS A 411 -8.73 32.17 3.30
CA LYS A 411 -7.77 31.41 4.08
C LYS A 411 -8.01 29.91 3.96
N LYS A 412 -6.95 29.13 3.68
CA LYS A 412 -7.01 27.68 3.53
C LYS A 412 -6.84 26.97 4.87
N ALA A 413 -7.74 26.02 5.17
CA ALA A 413 -7.72 25.22 6.40
C ALA A 413 -6.65 24.14 6.34
N LYS A 414 -5.99 23.85 7.47
CA LYS A 414 -4.91 22.85 7.55
C LYS A 414 -5.22 21.70 8.52
N TRP A 415 -5.15 20.47 8.00
CA TRP A 415 -5.39 19.23 8.74
C TRP A 415 -4.25 18.92 9.72
N HIS A 416 -4.55 18.20 10.81
CA HIS A 416 -3.58 17.81 11.83
C HIS A 416 -3.87 16.42 12.41
N LEU A 417 -2.83 15.74 12.93
CA LEU A 417 -2.93 14.40 13.49
C LEU A 417 -3.59 14.37 14.88
N GLY A 418 -4.77 13.75 14.95
CA GLY A 418 -5.57 13.56 16.15
C GLY A 418 -5.83 14.80 16.98
N ILE A 419 -5.75 14.64 18.31
CA ILE A 419 -5.96 15.71 19.29
C ILE A 419 -4.69 15.91 20.15
N ARG A 420 -4.32 17.18 20.39
CA ARG A 420 -3.13 17.55 21.17
C ARG A 420 -3.48 18.05 22.58
N SER A 421 -2.55 17.84 23.53
CA SER A 421 -2.69 18.24 24.93
C SER A 421 -1.36 18.80 25.47
N GLN A 422 -1.43 19.74 26.43
CA GLN A 422 -0.25 20.36 27.03
C GLN A 422 -0.02 19.93 28.49
N SER A 423 -1.02 19.27 29.11
CA SER A 423 -0.97 18.78 30.48
C SER A 423 -0.07 17.55 30.64
N LYS A 424 0.18 17.11 31.91
CA LYS A 424 1.01 15.96 32.28
C LYS A 424 0.55 14.65 31.61
N PRO A 425 1.47 13.74 31.20
CA PRO A 425 1.04 12.47 30.56
C PRO A 425 0.20 11.56 31.45
N TYR A 426 0.40 11.64 32.78
CA TYR A 426 -0.34 10.88 33.79
C TYR A 426 -1.78 11.38 33.86
N ASP A 427 -1.99 12.70 33.67
CA ASP A 427 -3.30 13.36 33.68
C ASP A 427 -4.13 13.00 32.45
N ILE A 428 -3.48 12.87 31.27
CA ILE A 428 -4.14 12.52 30.00
C ILE A 428 -4.65 11.08 30.07
N MET A 429 -3.88 10.17 30.70
CA MET A 429 -4.24 8.76 30.88
C MET A 429 -5.49 8.61 31.76
N ALA A 430 -5.60 9.44 32.81
CA ALA A 430 -6.75 9.46 33.72
C ALA A 430 -7.96 10.06 33.01
N GLU A 431 -7.73 11.02 32.08
CA GLU A 431 -8.75 11.70 31.29
C GLU A 431 -9.37 10.76 30.25
N VAL A 432 -8.54 9.93 29.58
CA VAL A 432 -9.02 8.97 28.56
C VAL A 432 -9.74 7.77 29.21
N TYR A 433 -9.38 7.44 30.47
CA TYR A 433 -10.01 6.33 31.20
C TYR A 433 -11.43 6.69 31.65
N ARG A 434 -11.63 7.89 32.22
CA ARG A 434 -12.93 8.38 32.68
C ARG A 434 -13.91 8.64 31.53
N ALA A 435 -13.38 8.98 30.33
CA ALA A 435 -14.17 9.21 29.13
C ALA A 435 -14.65 7.89 28.52
N MET A 436 -13.78 6.85 28.58
CA MET A 436 -14.08 5.51 28.08
C MET A 436 -15.08 4.77 28.96
N LYS A 437 -15.04 5.02 30.29
CA LYS A 437 -15.95 4.42 31.27
C LYS A 437 -17.37 4.96 31.16
N GLN A 438 -17.53 6.19 30.61
CA GLN A 438 -18.83 6.86 30.41
C GLN A 438 -19.65 6.12 29.35
N LEU A 439 -18.98 5.62 28.29
CA LEU A 439 -19.59 4.84 27.21
C LEU A 439 -19.38 3.34 27.45
N ASP A 440 -19.97 2.48 26.62
CA ASP A 440 -19.83 1.02 26.75
C ASP A 440 -18.61 0.49 26.00
N PHE A 441 -17.41 0.81 26.50
CA PHE A 441 -16.12 0.39 25.92
C PHE A 441 -15.50 -0.79 26.66
N GLU A 442 -14.87 -1.70 25.90
CA GLU A 442 -14.16 -2.87 26.40
C GLU A 442 -12.80 -2.94 25.72
N TRP A 443 -11.71 -2.90 26.50
CA TRP A 443 -10.35 -2.90 25.95
C TRP A 443 -9.41 -3.95 26.56
N LYS A 444 -8.10 -3.79 26.31
CA LYS A 444 -7.01 -4.62 26.80
C LYS A 444 -5.75 -3.76 26.85
N VAL A 445 -5.29 -3.42 28.06
CA VAL A 445 -4.11 -2.58 28.27
C VAL A 445 -2.82 -3.36 27.94
N VAL A 446 -2.18 -2.98 26.82
CA VAL A 446 -0.94 -3.60 26.32
C VAL A 446 0.26 -2.92 26.98
N ASN A 447 0.33 -1.58 26.89
CA ASN A 447 1.38 -0.73 27.44
C ASN A 447 0.74 0.43 28.22
N ALA A 448 1.53 1.13 29.06
CA ALA A 448 1.09 2.29 29.86
C ALA A 448 0.58 3.47 29.01
N TYR A 449 0.78 3.41 27.67
CA TYR A 449 0.35 4.43 26.72
C TYR A 449 -0.42 3.83 25.52
N HIS A 450 -0.28 2.50 25.30
CA HIS A 450 -0.95 1.77 24.22
C HIS A 450 -2.21 1.06 24.70
N LEU A 451 -3.36 1.35 24.06
CA LEU A 451 -4.67 0.78 24.39
C LEU A 451 -5.37 0.25 23.12
N ARG A 452 -6.14 -0.85 23.26
CA ARG A 452 -6.88 -1.45 22.17
C ARG A 452 -8.38 -1.50 22.49
N VAL A 453 -9.06 -0.35 22.35
CA VAL A 453 -10.49 -0.20 22.64
C VAL A 453 -11.38 -0.89 21.59
N ARG A 454 -12.44 -1.54 22.07
CA ARG A 454 -13.42 -2.25 21.24
C ARG A 454 -14.84 -1.91 21.70
N ARG A 455 -15.68 -1.44 20.76
CA ARG A 455 -17.07 -1.07 21.04
C ARG A 455 -18.01 -1.77 20.06
N LYS A 456 -19.05 -2.43 20.59
CA LYS A 456 -20.06 -3.14 19.80
C LYS A 456 -21.17 -2.19 19.37
N ASN A 457 -21.40 -2.09 18.06
CA ASN A 457 -22.43 -1.22 17.48
C ASN A 457 -23.84 -1.79 17.78
N PRO A 458 -24.78 -0.97 18.30
CA PRO A 458 -26.11 -1.50 18.63
C PRO A 458 -27.03 -1.75 17.43
N VAL A 459 -26.88 -0.97 16.35
CA VAL A 459 -27.71 -1.07 15.15
C VAL A 459 -27.33 -2.29 14.30
N THR A 460 -26.04 -2.44 13.96
CA THR A 460 -25.54 -3.54 13.13
C THR A 460 -25.31 -4.85 13.90
N GLY A 461 -24.81 -4.74 15.13
CA GLY A 461 -24.51 -5.89 15.98
C GLY A 461 -23.11 -6.45 15.76
N ASN A 462 -22.26 -5.69 15.03
CA ASN A 462 -20.88 -6.05 14.73
C ASN A 462 -19.89 -5.36 15.66
N TYR A 463 -18.76 -6.03 15.95
CA TYR A 463 -17.72 -5.50 16.84
C TYR A 463 -16.77 -4.57 16.07
N VAL A 464 -16.53 -3.36 16.61
CA VAL A 464 -15.65 -2.35 16.04
C VAL A 464 -14.42 -2.20 16.93
N LYS A 465 -13.20 -2.34 16.35
CA LYS A 465 -11.94 -2.24 17.09
C LYS A 465 -11.03 -1.12 16.57
N MET A 466 -10.40 -0.39 17.49
CA MET A 466 -9.44 0.69 17.19
C MET A 466 -8.33 0.80 18.24
N SER A 467 -7.15 1.30 17.82
CA SER A 467 -5.97 1.46 18.68
C SER A 467 -5.77 2.91 19.14
N LEU A 468 -5.21 3.07 20.36
CA LEU A 468 -4.90 4.35 20.98
C LEU A 468 -3.45 4.35 21.47
N GLN A 469 -2.68 5.38 21.10
CA GLN A 469 -1.27 5.53 21.48
C GLN A 469 -0.94 6.99 21.76
N LEU A 470 -0.21 7.24 22.88
CA LEU A 470 0.20 8.59 23.29
C LEU A 470 1.65 8.88 22.91
N TYR A 471 1.88 10.03 22.27
CA TYR A 471 3.19 10.52 21.83
C TYR A 471 3.45 11.92 22.41
N LEU A 472 4.65 12.46 22.18
CA LEU A 472 5.01 13.82 22.62
C LEU A 472 5.71 14.58 21.49
N VAL A 473 5.20 15.79 21.17
CA VAL A 473 5.72 16.65 20.10
C VAL A 473 6.98 17.37 20.57
N ASP A 474 6.86 18.18 21.65
CA ASP A 474 7.94 18.95 22.26
C ASP A 474 8.11 18.58 23.73
N ASN A 475 8.90 19.38 24.49
CA ASN A 475 9.15 19.17 25.93
C ASN A 475 7.87 19.28 26.77
N ARG A 476 7.01 20.26 26.47
CA ARG A 476 5.74 20.49 27.17
C ARG A 476 4.51 20.20 26.29
N SER A 477 4.73 19.60 25.10
CA SER A 477 3.67 19.25 24.15
C SER A 477 3.46 17.74 24.07
N TYR A 478 2.18 17.31 24.08
CA TYR A 478 1.78 15.89 24.00
C TYR A 478 0.71 15.67 22.94
N LEU A 479 0.65 14.44 22.38
CA LEU A 479 -0.27 14.06 21.31
C LEU A 479 -0.92 12.70 21.56
N LEU A 480 -2.18 12.55 21.13
CA LEU A 480 -2.96 11.30 21.21
C LEU A 480 -3.29 10.86 19.78
N ASP A 481 -2.99 9.60 19.44
CA ASP A 481 -3.21 9.04 18.12
C ASP A 481 -4.31 7.97 18.08
N PHE A 482 -5.14 8.00 17.02
CA PHE A 482 -6.22 7.05 16.78
C PHE A 482 -5.89 6.24 15.52
N LYS A 483 -5.82 4.90 15.66
CA LYS A 483 -5.51 3.97 14.57
C LYS A 483 -6.68 3.00 14.36
N SER A 484 -7.01 2.69 13.10
CA SER A 484 -8.10 1.78 12.76
C SER A 484 -7.62 0.33 12.57
N ILE A 485 -8.29 -0.62 13.22
CA ILE A 485 -7.98 -2.05 13.13
C ILE A 485 -9.03 -2.75 12.26
N ASP A 486 -8.58 -3.34 11.14
CA ASP A 486 -9.44 -4.04 10.17
C ASP A 486 -9.93 -5.38 10.71
N ASP A 487 -11.25 -5.63 10.58
CA ASP A 487 -11.89 -6.87 11.04
C ASP A 487 -11.55 -8.05 10.13
N LEU A 545 -23.44 -5.03 7.60
CA LEU A 545 -24.40 -4.01 7.16
C LEU A 545 -23.77 -2.61 7.15
N GLY A 546 -23.12 -2.24 8.26
CA GLY A 546 -22.46 -0.95 8.42
C GLY A 546 -21.05 -0.90 7.88
N SER A 547 -20.62 0.31 7.46
CA SER A 547 -19.30 0.55 6.91
C SER A 547 -18.21 0.55 7.99
N HIS A 548 -17.13 -0.23 7.77
CA HIS A 548 -16.00 -0.35 8.68
C HIS A 548 -15.26 0.99 8.86
N THR A 549 -15.05 1.72 7.75
CA THR A 549 -14.39 3.03 7.74
C THR A 549 -15.23 4.09 8.47
N MET A 550 -16.57 4.02 8.32
CA MET A 550 -17.52 4.94 8.97
C MET A 550 -17.65 4.66 10.46
N ASP A 551 -17.70 3.37 10.85
CA ASP A 551 -17.82 2.93 12.25
C ASP A 551 -16.63 3.36 13.11
N PHE A 552 -15.43 3.43 12.50
CA PHE A 552 -14.20 3.87 13.16
C PHE A 552 -14.30 5.38 13.45
N PHE A 553 -14.92 6.13 12.52
CA PHE A 553 -15.12 7.57 12.64
C PHE A 553 -16.16 7.90 13.72
N GLU A 554 -17.22 7.07 13.83
CA GLU A 554 -18.29 7.20 14.83
C GLU A 554 -17.74 6.91 16.23
N MET A 555 -16.81 5.93 16.32
CA MET A 555 -16.13 5.52 17.56
C MET A 555 -15.16 6.62 18.01
N CYS A 556 -14.50 7.30 17.05
CA CYS A 556 -13.56 8.38 17.29
C CYS A 556 -14.27 9.63 17.79
N ALA A 557 -15.31 10.08 17.05
CA ALA A 557 -16.13 11.27 17.37
C ALA A 557 -16.77 11.19 18.74
N SER A 558 -17.24 9.99 19.15
CA SER A 558 -17.87 9.74 20.46
C SER A 558 -16.90 9.94 21.64
N LEU A 559 -15.59 9.76 21.41
CA LEU A 559 -14.55 9.94 22.42
C LEU A 559 -14.02 11.38 22.45
N ILE A 560 -13.87 12.02 21.27
CA ILE A 560 -13.38 13.40 21.14
C ILE A 560 -14.41 14.41 21.71
N THR A 561 -15.72 14.17 21.47
CA THR A 561 -16.80 15.02 21.98
C THR A 561 -16.91 14.98 23.51
N THR A 562 -16.70 13.79 24.11
CA THR A 562 -16.75 13.60 25.57
C THR A 562 -15.54 14.22 26.27
N LEU A 563 -14.33 14.04 25.68
CA LEU A 563 -13.08 14.59 26.22
C LEU A 563 -13.01 16.10 25.95
N ALA A 564 -13.18 16.90 27.03
CA ALA A 564 -13.16 18.38 27.04
C ALA A 564 -14.15 19.01 26.05
N PHE B 59 10.49 -13.93 -21.32
CA PHE B 59 11.62 -14.43 -20.56
C PHE B 59 11.29 -14.52 -19.08
N VAL B 60 10.79 -13.41 -18.54
CA VAL B 60 10.46 -13.34 -17.11
C VAL B 60 9.37 -14.35 -16.77
N SER B 61 8.39 -14.49 -17.65
CA SER B 61 7.28 -15.39 -17.39
C SER B 61 7.82 -16.80 -17.24
N TRP B 62 8.78 -17.14 -18.10
CA TRP B 62 9.34 -18.48 -18.08
C TRP B 62 10.01 -18.76 -16.74
N GLN B 63 10.75 -17.78 -16.23
CA GLN B 63 11.41 -17.97 -14.95
C GLN B 63 10.40 -18.15 -13.84
N GLN B 64 9.35 -17.34 -13.86
CA GLN B 64 8.31 -17.44 -12.84
C GLN B 64 7.63 -18.80 -12.95
N ASP B 65 7.42 -19.25 -14.18
CA ASP B 65 6.75 -20.51 -14.42
C ASP B 65 7.52 -21.66 -13.81
N LEU B 66 8.85 -21.62 -13.93
CA LEU B 66 9.67 -22.73 -13.47
C LEU B 66 9.51 -22.93 -11.96
N GLU B 67 9.50 -21.84 -11.21
CA GLU B 67 9.32 -21.92 -9.77
C GLU B 67 7.95 -22.50 -9.45
N ASP B 68 6.95 -22.10 -10.23
CA ASP B 68 5.58 -22.54 -10.03
C ASP B 68 5.45 -24.04 -10.22
N SER B 69 6.19 -24.58 -11.18
CA SER B 69 6.07 -25.99 -11.53
C SER B 69 6.42 -26.86 -10.34
N VAL B 70 7.43 -26.45 -9.58
CA VAL B 70 7.85 -27.21 -8.42
C VAL B 70 6.73 -27.28 -7.37
N LYS B 71 6.59 -28.45 -6.76
CA LYS B 71 5.60 -28.69 -5.71
C LYS B 71 6.32 -28.96 -4.41
N PRO B 72 5.86 -28.24 -3.29
CA PRO B 72 6.71 -28.41 -2.10
C PRO B 72 6.76 -29.85 -1.56
N THR B 73 7.97 -30.32 -1.30
CA THR B 73 8.19 -31.62 -0.67
C THR B 73 9.61 -31.70 -0.11
N GLN B 74 9.88 -32.67 0.75
CA GLN B 74 11.23 -32.89 1.24
C GLN B 74 11.77 -34.20 0.68
N GLN B 75 12.94 -34.14 0.04
CA GLN B 75 13.49 -35.33 -0.61
C GLN B 75 13.95 -36.41 0.39
N ALA B 76 14.78 -36.04 1.39
CA ALA B 76 15.30 -36.96 2.39
C ALA B 76 14.94 -36.53 3.81
N ARG B 77 14.76 -37.51 4.72
CA ARG B 77 14.42 -37.28 6.12
C ARG B 77 15.51 -37.82 7.08
N PRO B 78 16.62 -37.06 7.30
CA PRO B 78 17.68 -37.56 8.19
C PRO B 78 17.55 -37.09 9.64
N THR B 79 18.50 -37.49 10.50
CA THR B 79 18.58 -37.05 11.90
C THR B 79 19.99 -36.69 12.41
N VAL B 80 20.13 -35.57 13.13
CA VAL B 80 21.43 -35.01 13.52
C VAL B 80 22.39 -35.74 14.48
N ILE B 81 21.90 -36.25 15.61
CA ILE B 81 22.74 -37.06 16.50
C ILE B 81 24.12 -36.50 16.93
N ARG B 82 24.20 -35.30 17.51
CA ARG B 82 25.51 -34.71 17.77
C ARG B 82 25.90 -34.69 19.26
N TRP B 83 27.21 -34.60 19.55
CA TRP B 83 27.78 -34.57 20.90
C TRP B 83 29.11 -33.81 20.93
N SER B 84 29.26 -32.88 21.90
CA SER B 84 30.45 -32.06 22.07
C SER B 84 31.33 -32.56 23.22
N GLU B 85 32.59 -32.92 22.93
CA GLU B 85 33.58 -33.43 23.89
C GLU B 85 35.02 -33.20 23.42
N GLY B 86 35.98 -33.55 24.28
CA GLY B 86 37.41 -33.44 24.01
C GLY B 86 38.09 -34.77 23.73
N GLY B 87 37.29 -35.84 23.63
CA GLY B 87 37.76 -37.19 23.35
C GLY B 87 38.04 -37.44 21.89
N LYS B 88 39.16 -38.12 21.59
CA LYS B 88 39.59 -38.42 20.22
C LYS B 88 38.71 -39.45 19.51
N GLU B 89 38.38 -40.58 20.18
CA GLU B 89 37.56 -41.64 19.60
C GLU B 89 36.13 -41.62 20.17
N VAL B 90 35.14 -41.34 19.30
CA VAL B 90 33.71 -41.27 19.65
C VAL B 90 32.91 -42.26 18.80
N PHE B 91 31.96 -42.98 19.44
CA PHE B 91 31.07 -43.95 18.79
C PHE B 91 29.66 -43.93 19.41
N ILE B 92 28.63 -44.26 18.61
CA ILE B 92 27.24 -44.27 19.08
C ILE B 92 26.46 -45.51 18.61
N SER B 93 25.75 -46.16 19.55
CA SER B 93 24.93 -47.35 19.31
C SER B 93 23.53 -47.15 19.88
N GLY B 94 22.51 -47.56 19.12
CA GLY B 94 21.11 -47.42 19.50
C GLY B 94 20.28 -48.66 19.26
N SER B 95 19.00 -48.45 18.87
CA SER B 95 18.03 -49.51 18.60
C SER B 95 17.80 -49.73 17.09
N PHE B 96 18.23 -48.75 16.25
CA PHE B 96 18.12 -48.79 14.79
C PHE B 96 18.94 -49.93 14.20
N ASN B 97 20.17 -50.13 14.70
CA ASN B 97 21.09 -51.20 14.28
C ASN B 97 21.04 -52.39 15.26
N ASN B 98 20.07 -52.36 16.20
CA ASN B 98 19.82 -53.36 17.25
C ASN B 98 21.03 -53.56 18.19
N TRP B 99 21.81 -52.47 18.43
CA TRP B 99 23.01 -52.39 19.27
C TRP B 99 24.10 -53.42 18.89
N SER B 100 24.18 -53.79 17.59
CA SER B 100 25.14 -54.75 17.07
C SER B 100 26.45 -54.08 16.63
N THR B 101 26.36 -52.89 16.01
CA THR B 101 27.52 -52.13 15.52
C THR B 101 27.58 -50.72 16.12
N LYS B 102 28.80 -50.16 16.23
CA LYS B 102 29.05 -48.82 16.74
C LYS B 102 29.37 -47.87 15.59
N ILE B 103 28.46 -46.91 15.33
CA ILE B 103 28.59 -45.92 14.26
C ILE B 103 29.65 -44.85 14.61
N PRO B 104 30.68 -44.63 13.75
CA PRO B 104 31.71 -43.63 14.11
C PRO B 104 31.25 -42.18 13.88
N LEU B 105 31.60 -41.30 14.84
CA LEU B 105 31.28 -39.88 14.81
C LEU B 105 32.37 -39.12 14.02
N ILE B 106 31.95 -38.34 13.04
CA ILE B 106 32.88 -37.46 12.34
C ILE B 106 33.18 -36.33 13.30
N LYS B 107 34.37 -35.77 13.23
CA LYS B 107 34.73 -34.73 14.18
C LYS B 107 34.80 -33.35 13.59
N SEP B 108 33.98 -32.45 14.13
CA SEP B 108 34.11 -31.04 13.91
CB SEP B 108 32.85 -30.29 14.33
OG SEP B 108 32.73 -29.12 13.55
C SEP B 108 35.24 -30.72 14.82
O SEP B 108 35.56 -31.57 15.67
P SEP B 108 33.78 -27.91 13.74
O1P SEP B 108 34.74 -28.09 12.60
O2P SEP B 108 34.37 -28.18 15.10
O3P SEP B 108 32.91 -26.68 13.66
N HIS B 109 35.86 -29.55 14.68
CA HIS B 109 37.03 -29.28 15.50
C HIS B 109 36.62 -29.35 16.96
N ASN B 110 35.47 -28.77 17.27
CA ASN B 110 34.92 -28.89 18.62
C ASN B 110 33.80 -29.90 18.79
N ASP B 111 32.79 -29.78 17.93
CA ASP B 111 31.62 -30.66 17.98
C ASP B 111 31.87 -31.99 17.26
N PHE B 112 31.11 -33.01 17.64
CA PHE B 112 31.12 -34.27 16.92
C PHE B 112 29.71 -34.60 16.44
N VAL B 113 29.60 -34.95 15.16
CA VAL B 113 28.29 -35.27 14.58
C VAL B 113 28.35 -36.36 13.52
N ALA B 114 27.33 -37.24 13.50
CA ALA B 114 27.20 -38.34 12.54
C ALA B 114 25.74 -38.48 12.11
N ILE B 115 25.48 -38.30 10.81
CA ILE B 115 24.15 -38.35 10.21
C ILE B 115 23.73 -39.79 9.90
N LEU B 116 22.51 -40.17 10.32
CA LEU B 116 21.93 -41.49 10.12
C LEU B 116 20.44 -41.38 9.82
N ASP B 117 20.00 -41.93 8.67
CA ASP B 117 18.60 -41.91 8.24
C ASP B 117 17.78 -42.92 9.06
N LEU B 118 17.28 -42.48 10.23
CA LEU B 118 16.50 -43.29 11.16
C LEU B 118 15.00 -43.17 10.88
N PRO B 119 14.22 -44.28 10.96
CA PRO B 119 12.77 -44.19 10.71
C PRO B 119 12.02 -43.55 11.89
N GLU B 120 10.82 -42.99 11.60
CA GLU B 120 9.96 -42.32 12.58
C GLU B 120 9.53 -43.24 13.72
N GLY B 121 9.80 -42.81 14.95
CA GLY B 121 9.50 -43.54 16.17
C GLY B 121 10.47 -43.27 17.30
N GLU B 122 10.21 -43.86 18.48
CA GLU B 122 11.06 -43.71 19.67
C GLU B 122 12.25 -44.66 19.63
N HIS B 123 13.47 -44.09 19.58
CA HIS B 123 14.73 -44.84 19.55
C HIS B 123 15.70 -44.33 20.60
N GLN B 124 16.22 -45.24 21.45
CA GLN B 124 17.16 -44.92 22.53
C GLN B 124 18.60 -45.23 22.12
N TYR B 125 19.47 -44.19 22.14
CA TYR B 125 20.88 -44.30 21.78
C TYR B 125 21.81 -43.89 22.92
N LYS B 126 23.06 -44.41 22.91
CA LYS B 126 24.07 -44.13 23.93
C LYS B 126 25.45 -43.92 23.29
N PHE B 127 26.19 -42.91 23.77
CA PHE B 127 27.53 -42.57 23.28
C PHE B 127 28.63 -43.32 24.04
N PHE B 128 29.78 -43.55 23.38
CA PHE B 128 30.96 -44.22 23.95
C PHE B 128 32.21 -43.42 23.59
N VAL B 129 32.78 -42.72 24.60
CA VAL B 129 33.97 -41.86 24.43
C VAL B 129 35.16 -42.45 25.20
N ASP B 130 36.28 -42.69 24.48
CA ASP B 130 37.56 -43.23 24.99
C ASP B 130 37.40 -44.55 25.77
N GLY B 131 36.57 -45.45 25.25
CA GLY B 131 36.27 -46.75 25.85
C GLY B 131 35.45 -46.67 27.11
N GLN B 132 34.45 -45.77 27.14
CA GLN B 132 33.55 -45.57 28.27
C GLN B 132 32.16 -45.12 27.77
N TRP B 133 31.15 -45.99 27.96
CA TRP B 133 29.77 -45.73 27.53
C TRP B 133 29.07 -44.72 28.45
N VAL B 134 29.07 -43.44 28.05
CA VAL B 134 28.46 -42.32 28.79
C VAL B 134 27.43 -41.60 27.90
N HIS B 135 26.20 -41.44 28.41
CA HIS B 135 25.11 -40.76 27.70
C HIS B 135 25.21 -39.23 27.80
N ASP B 136 24.39 -38.50 27.00
CA ASP B 136 24.36 -37.04 27.01
C ASP B 136 23.36 -36.51 28.06
N PRO B 137 23.83 -35.73 29.02
CA PRO B 137 22.94 -35.11 30.02
C PRO B 137 21.96 -34.06 29.49
N SER B 138 22.46 -33.18 28.64
CA SER B 138 21.74 -32.00 28.14
C SER B 138 20.42 -32.32 27.42
N GLU B 139 20.35 -33.45 26.71
CA GLU B 139 19.16 -33.89 25.98
C GLU B 139 18.33 -34.93 26.77
N PRO B 140 16.99 -35.06 26.52
CA PRO B 140 16.19 -36.04 27.29
C PRO B 140 16.65 -37.49 27.20
N VAL B 141 16.51 -38.24 28.32
CA VAL B 141 16.91 -39.65 28.42
C VAL B 141 15.82 -40.51 29.05
N VAL B 142 15.82 -41.82 28.73
CA VAL B 142 14.86 -42.80 29.24
C VAL B 142 15.58 -44.03 29.79
N THR B 143 15.10 -44.57 30.92
CA THR B 143 15.67 -45.75 31.58
C THR B 143 15.37 -47.04 30.81
N SER B 144 16.43 -47.82 30.52
CA SER B 144 16.34 -49.09 29.79
C SER B 144 16.17 -50.29 30.75
N GLN B 145 15.74 -51.44 30.19
CA GLN B 145 15.53 -52.69 30.94
C GLN B 145 16.83 -53.29 31.49
N LEU B 146 17.97 -53.01 30.82
CA LEU B 146 19.30 -53.50 31.20
C LEU B 146 19.80 -52.83 32.50
N GLY B 147 19.60 -51.52 32.61
CA GLY B 147 20.01 -50.75 33.78
C GLY B 147 20.27 -49.27 33.50
N THR B 148 21.22 -48.98 32.58
CA THR B 148 21.63 -47.63 32.21
C THR B 148 20.54 -46.85 31.47
N ILE B 149 20.41 -45.55 31.79
CA ILE B 149 19.43 -44.64 31.19
C ILE B 149 20.06 -43.94 29.97
N ASN B 150 19.70 -44.43 28.76
CA ASN B 150 20.22 -43.92 27.48
C ASN B 150 19.37 -42.75 26.97
N ASN B 151 19.99 -41.85 26.16
CA ASN B 151 19.33 -40.69 25.56
C ASN B 151 18.30 -41.12 24.52
N LEU B 152 17.07 -40.60 24.63
CA LEU B 152 15.97 -40.93 23.73
C LEU B 152 15.77 -39.92 22.61
N ILE B 153 15.67 -40.41 21.36
CA ILE B 153 15.45 -39.61 20.16
C ILE B 153 14.11 -39.99 19.53
N HIS B 154 13.16 -39.07 19.54
CA HIS B 154 11.82 -39.34 19.08
C HIS B 154 11.49 -38.48 17.86
N VAL B 155 11.42 -39.10 16.69
CA VAL B 155 11.17 -38.34 15.46
C VAL B 155 9.82 -38.67 14.85
N LYS B 156 8.99 -37.64 14.67
CA LYS B 156 7.70 -37.83 14.03
C LYS B 156 7.53 -37.00 12.77
N LYS B 157 7.77 -35.70 12.89
CA LYS B 157 7.60 -34.79 11.76
C LYS B 157 8.87 -34.00 11.46
N SER B 158 9.27 -33.99 10.20
CA SER B 158 10.40 -33.20 9.77
C SER B 158 10.01 -32.43 8.52
N ASP B 159 9.07 -31.49 8.69
CA ASP B 159 8.71 -30.56 7.63
C ASP B 159 8.78 -29.16 8.23
N PHE B 160 9.42 -28.24 7.52
CA PHE B 160 9.75 -26.97 8.13
C PHE B 160 8.54 -26.15 8.57
N GLU B 161 7.53 -26.04 7.71
CA GLU B 161 6.37 -25.24 8.08
C GLU B 161 5.58 -25.81 9.26
N VAL B 162 5.30 -27.10 9.20
CA VAL B 162 4.58 -27.76 10.29
C VAL B 162 5.41 -27.81 11.56
N PHE B 163 6.70 -28.09 11.38
CA PHE B 163 7.58 -28.26 12.51
C PHE B 163 7.66 -26.98 13.30
N ASP B 164 7.71 -25.87 12.58
CA ASP B 164 7.83 -24.58 13.23
C ASP B 164 6.60 -24.34 14.09
N ALA B 165 5.44 -24.69 13.56
CA ALA B 165 4.21 -24.47 14.30
C ALA B 165 4.22 -25.29 15.59
N LEU B 166 4.66 -26.53 15.51
CA LEU B 166 4.75 -27.35 16.70
C LEU B 166 5.75 -26.71 17.64
N LYS B 167 6.86 -26.26 17.06
CA LYS B 167 7.86 -25.53 17.82
C LYS B 167 7.23 -24.23 18.29
N LEU B 168 6.43 -23.64 17.40
CA LEU B 168 5.78 -22.38 17.70
C LEU B 168 4.82 -22.52 18.87
N ASP B 169 4.12 -23.63 18.93
CA ASP B 169 3.12 -23.84 19.98
C ASP B 169 3.78 -23.82 21.35
N SER B 170 4.95 -24.44 21.44
CA SER B 170 5.67 -24.47 22.70
C SER B 170 6.06 -23.05 23.07
N MET B 171 6.00 -22.74 24.36
CA MET B 171 6.33 -21.41 24.85
C MET B 171 5.18 -20.43 24.62
N GLY B 190 -3.27 -8.48 27.02
CA GLY B 190 -3.00 -9.40 28.12
C GLY B 190 -4.22 -10.29 28.44
N GLN B 191 -5.42 -9.68 28.51
CA GLN B 191 -6.67 -10.38 28.80
C GLN B 191 -7.71 -10.06 27.72
N GLU B 192 -8.36 -11.12 27.19
CA GLU B 192 -9.37 -11.00 26.13
C GLU B 192 -10.67 -10.35 26.61
N MET B 193 -10.99 -9.16 26.05
CA MET B 193 -12.17 -8.33 26.33
C MET B 193 -12.35 -8.02 27.83
N TYR B 194 -11.30 -7.46 28.46
CA TYR B 194 -11.32 -7.12 29.88
C TYR B 194 -10.86 -5.67 30.12
N ALA B 195 -11.82 -4.74 30.27
CA ALA B 195 -11.57 -3.32 30.50
C ALA B 195 -11.28 -3.03 31.97
N PHE B 196 -10.05 -2.56 32.25
CA PHE B 196 -9.59 -2.23 33.60
C PHE B 196 -8.47 -1.19 33.58
N ARG B 197 -8.45 -0.31 34.61
CA ARG B 197 -7.45 0.75 34.75
C ARG B 197 -6.09 0.19 35.20
N SER B 198 -5.00 0.70 34.59
CA SER B 198 -3.63 0.27 34.88
C SER B 198 -2.88 1.32 35.70
N GLU B 199 -2.12 0.85 36.71
CA GLU B 199 -1.33 1.70 37.61
C GLU B 199 0.16 1.35 37.55
N GLU B 200 1.02 2.38 37.39
CA GLU B 200 2.48 2.29 37.31
C GLU B 200 2.98 1.36 36.21
N SER B 204 8.05 7.13 30.54
CA SER B 204 8.07 8.18 29.53
C SER B 204 7.39 7.73 28.21
N PRO B 205 6.57 8.59 27.56
CA PRO B 205 5.91 8.18 26.31
C PRO B 205 6.87 8.16 25.11
N PRO B 206 6.60 7.37 24.05
CA PRO B 206 7.52 7.36 22.90
C PRO B 206 7.43 8.61 22.02
N ILE B 207 8.57 9.02 21.43
CA ILE B 207 8.69 10.21 20.58
C ILE B 207 7.96 9.99 19.24
N LEU B 208 7.11 10.97 18.86
CA LEU B 208 6.29 10.98 17.65
C LEU B 208 7.14 10.94 16.35
N PRO B 209 6.84 10.01 15.41
CA PRO B 209 7.60 9.99 14.14
C PRO B 209 7.20 11.15 13.23
N PRO B 210 8.16 11.81 12.53
CA PRO B 210 7.79 12.95 11.68
C PRO B 210 7.07 12.59 10.37
N HIS B 211 6.94 11.28 10.06
CA HIS B 211 6.27 10.78 8.86
C HIS B 211 4.75 10.95 8.92
N LEU B 212 4.20 11.09 10.14
CA LEU B 212 2.78 11.29 10.39
C LEU B 212 2.40 12.77 10.23
N LEU B 213 3.33 13.69 10.57
CA LEU B 213 3.14 15.15 10.50
C LEU B 213 2.76 15.64 9.10
N GLN B 214 3.34 15.03 8.04
CA GLN B 214 3.02 15.36 6.65
C GLN B 214 1.68 14.70 6.28
N VAL B 215 0.68 15.53 5.94
CA VAL B 215 -0.66 15.06 5.59
C VAL B 215 -0.86 15.13 4.07
N ILE B 216 -1.44 14.06 3.48
CA ILE B 216 -1.72 13.97 2.04
C ILE B 216 -2.83 14.95 1.61
N LEU B 217 -3.72 15.33 2.55
CA LEU B 217 -4.81 16.27 2.31
C LEU B 217 -4.33 17.73 2.38
N ASN B 218 -3.19 17.97 3.04
CA ASN B 218 -2.55 19.29 3.15
C ASN B 218 -1.71 19.56 1.90
N LYS B 219 -1.19 18.49 1.26
CA LYS B 219 -0.38 18.52 0.05
C LYS B 219 -1.22 18.97 -1.14
N ASP B 220 -0.69 19.88 -1.96
CA ASP B 220 -1.38 20.41 -3.14
C ASP B 220 -0.90 19.72 -4.42
N THR B 221 -1.86 19.30 -5.26
CA THR B 221 -1.61 18.62 -6.53
C THR B 221 -1.66 19.61 -7.71
N ASN B 222 -1.26 19.15 -8.92
CA ASN B 222 -1.25 19.95 -10.15
C ASN B 222 -2.65 20.44 -10.56
N ILE B 223 -2.71 21.62 -11.18
CA ILE B 223 -3.96 22.25 -11.64
C ILE B 223 -4.55 21.46 -12.83
N SER B 224 -3.67 20.83 -13.64
CA SER B 224 -4.04 20.04 -14.82
C SER B 224 -4.77 18.73 -14.50
N CYS B 225 -4.36 18.02 -13.44
CA CYS B 225 -4.96 16.73 -13.06
C CYS B 225 -6.28 16.90 -12.28
N ASP B 226 -7.07 15.81 -12.22
CA ASP B 226 -8.38 15.69 -11.57
C ASP B 226 -8.36 16.10 -10.09
N PRO B 227 -9.37 16.86 -9.58
CA PRO B 227 -9.35 17.28 -8.18
C PRO B 227 -9.57 16.14 -7.17
N ALA B 228 -10.41 15.15 -7.52
CA ALA B 228 -10.70 14.00 -6.67
C ALA B 228 -9.51 13.02 -6.55
N LEU B 229 -8.52 13.15 -7.46
CA LEU B 229 -7.31 12.32 -7.48
C LEU B 229 -6.28 12.85 -6.48
N LEU B 230 -5.61 11.92 -5.75
CA LEU B 230 -4.59 12.21 -4.75
C LEU B 230 -3.28 11.46 -5.03
N PRO B 231 -2.10 11.91 -4.52
CA PRO B 231 -0.86 11.15 -4.75
C PRO B 231 -0.78 9.88 -3.88
N GLU B 232 0.12 8.94 -4.24
CA GLU B 232 0.31 7.68 -3.51
C GLU B 232 0.78 7.91 -2.08
N PRO B 233 0.00 7.47 -1.06
CA PRO B 233 0.42 7.72 0.33
C PRO B 233 1.37 6.68 0.91
N ASN B 234 2.14 7.10 1.91
CA ASN B 234 3.06 6.20 2.58
C ASN B 234 2.25 5.17 3.31
N HIS B 235 2.78 3.95 3.40
CA HIS B 235 2.06 2.85 4.01
C HIS B 235 1.75 3.11 5.48
N VAL B 236 2.69 3.70 6.19
CA VAL B 236 2.52 3.96 7.61
C VAL B 236 1.34 4.90 7.90
N MET B 237 1.17 5.91 7.06
CA MET B 237 0.18 6.95 7.31
C MET B 237 -1.26 6.45 7.37
N LEU B 238 -1.62 5.53 6.49
CA LEU B 238 -3.02 5.09 6.42
C LEU B 238 -3.46 4.37 7.70
N ASN B 239 -4.75 4.50 8.02
CA ASN B 239 -5.32 3.92 9.23
C ASN B 239 -5.05 4.80 10.42
N HIS B 240 -4.51 5.97 10.16
CA HIS B 240 -4.24 6.92 11.23
C HIS B 240 -5.22 8.06 11.06
N LEU B 241 -5.89 8.43 12.14
CA LEU B 241 -6.94 9.45 12.05
C LEU B 241 -6.37 10.87 12.08
N TYR B 242 -6.80 11.68 11.10
CA TYR B 242 -6.41 13.09 10.94
C TYR B 242 -7.67 13.96 11.03
N ALA B 243 -7.70 14.90 11.98
CA ALA B 243 -8.86 15.78 12.17
C ALA B 243 -8.50 17.26 12.13
N LEU B 244 -9.39 18.07 11.53
CA LEU B 244 -9.24 19.52 11.41
C LEU B 244 -10.08 20.20 12.50
N SER B 245 -9.51 21.26 13.14
CA SER B 245 -10.14 22.04 14.20
C SER B 245 -11.50 22.58 13.77
N ILE B 246 -12.50 22.52 14.64
CA ILE B 246 -13.85 22.85 14.21
C ILE B 246 -14.14 24.34 14.30
N LYS B 247 -14.29 24.96 13.13
CA LYS B 247 -14.67 26.36 13.03
C LYS B 247 -16.07 26.53 13.59
N ASP B 248 -16.92 25.56 13.29
CA ASP B 248 -18.31 25.58 13.72
C ASP B 248 -18.63 24.30 14.46
N SER B 249 -19.89 24.10 14.76
CA SER B 249 -20.34 22.95 15.54
C SER B 249 -19.93 21.69 14.81
N VAL B 250 -20.00 21.72 13.49
CA VAL B 250 -19.67 20.55 12.68
C VAL B 250 -18.23 20.12 12.91
N MET B 251 -18.03 18.80 12.95
CA MET B 251 -16.73 18.18 13.19
C MET B 251 -16.21 17.47 11.93
N VAL B 252 -14.91 17.69 11.63
CA VAL B 252 -14.23 17.12 10.46
C VAL B 252 -13.09 16.21 10.86
N LEU B 253 -13.13 14.95 10.38
CA LEU B 253 -12.13 13.92 10.64
C LEU B 253 -12.07 12.93 9.48
N SER B 254 -10.84 12.61 9.03
CA SER B 254 -10.57 11.72 7.91
C SER B 254 -9.41 10.74 8.17
N ALA B 255 -9.38 9.62 7.43
CA ALA B 255 -8.35 8.58 7.52
C ALA B 255 -8.24 7.81 6.21
N THR B 256 -7.00 7.44 5.82
CA THR B 256 -6.73 6.70 4.59
C THR B 256 -6.82 5.18 4.86
N HIS B 257 -7.48 4.46 3.97
CA HIS B 257 -7.62 3.02 4.11
C HIS B 257 -7.31 2.34 2.80
N ARG B 258 -6.82 1.11 2.87
CA ARG B 258 -6.44 0.38 1.68
C ARG B 258 -7.39 -0.78 1.42
N TYR B 259 -7.96 -0.82 0.23
CA TYR B 259 -8.78 -1.94 -0.17
C TYR B 259 -8.23 -2.54 -1.46
N LYS B 260 -8.01 -3.85 -1.44
CA LYS B 260 -7.63 -4.57 -2.66
C LYS B 260 -6.43 -3.92 -3.32
N LYS B 261 -5.45 -3.53 -2.51
CA LYS B 261 -4.30 -2.83 -3.05
C LYS B 261 -4.75 -1.55 -3.73
N LYS B 262 -5.76 -0.92 -3.14
CA LYS B 262 -6.22 0.38 -3.59
C LYS B 262 -6.32 1.27 -2.38
N TYR B 263 -6.03 2.56 -2.55
CA TYR B 263 -5.99 3.48 -1.42
C TYR B 263 -7.13 4.49 -1.49
N VAL B 264 -7.86 4.63 -0.40
CA VAL B 264 -9.01 5.55 -0.39
C VAL B 264 -8.97 6.45 0.85
N THR B 265 -9.05 7.79 0.63
CA THR B 265 -9.05 8.77 1.71
C THR B 265 -10.46 9.30 1.90
N THR B 266 -11.18 8.75 2.90
CA THR B 266 -12.57 9.11 3.21
C THR B 266 -12.64 10.19 4.27
N LEU B 267 -13.39 11.27 3.96
CA LEU B 267 -13.62 12.43 4.82
C LEU B 267 -15.01 12.35 5.42
N LEU B 268 -15.17 12.78 6.69
CA LEU B 268 -16.46 12.78 7.36
C LEU B 268 -16.82 14.13 7.94
N TYR B 269 -18.03 14.60 7.60
CA TYR B 269 -18.62 15.84 8.10
C TYR B 269 -19.80 15.42 8.97
N LYS B 270 -19.74 15.72 10.28
CA LYS B 270 -20.78 15.37 11.24
C LYS B 270 -20.84 16.40 12.38
N PRO B 271 -22.03 16.99 12.66
CA PRO B 271 -22.10 17.98 13.75
C PRO B 271 -22.07 17.34 15.14
N ILE B 272 -21.54 18.09 16.12
CA ILE B 272 -21.41 17.68 17.53
C ILE B 272 -22.80 17.73 18.20
N ASN C 30 -18.47 -11.05 -31.88
CA ASN C 30 -17.30 -10.72 -32.70
C ASN C 30 -17.41 -9.34 -33.36
N ASN C 31 -18.61 -8.99 -33.88
CA ASN C 31 -18.88 -7.71 -34.53
C ASN C 31 -18.83 -6.53 -33.56
N SER C 32 -19.28 -6.76 -32.30
CA SER C 32 -19.28 -5.75 -31.25
C SER C 32 -18.09 -5.93 -30.30
N VAL C 33 -17.02 -5.13 -30.53
CA VAL C 33 -15.78 -5.17 -29.74
C VAL C 33 -15.85 -4.21 -28.54
N TYR C 34 -16.76 -3.21 -28.59
CA TYR C 34 -16.97 -2.23 -27.52
C TYR C 34 -17.65 -2.87 -26.30
N THR C 35 -18.56 -3.82 -26.56
CA THR C 35 -19.31 -4.56 -25.52
C THR C 35 -18.41 -5.57 -24.80
N SER C 36 -17.41 -6.15 -25.52
CA SER C 36 -16.46 -7.12 -24.98
C SER C 36 -15.45 -6.47 -24.01
N PHE C 37 -15.21 -5.14 -24.15
CA PHE C 37 -14.34 -4.35 -23.28
C PHE C 37 -14.95 -4.28 -21.88
N MET C 38 -16.30 -4.17 -21.83
CA MET C 38 -17.10 -4.19 -20.61
C MET C 38 -17.48 -5.65 -20.32
N LYS C 39 -18.19 -5.91 -19.19
CA LYS C 39 -18.63 -7.24 -18.72
C LYS C 39 -17.46 -8.12 -18.23
N SER C 40 -16.40 -8.29 -19.08
CA SER C 40 -15.21 -9.06 -18.75
C SER C 40 -14.34 -8.32 -17.72
N HIS C 41 -14.35 -6.97 -17.77
CA HIS C 41 -13.60 -6.11 -16.86
C HIS C 41 -14.48 -5.65 -15.69
N ARG C 42 -13.94 -5.76 -14.46
CA ARG C 42 -14.64 -5.39 -13.22
C ARG C 42 -14.58 -3.89 -12.94
N CYS C 43 -15.42 -3.41 -11.98
CA CYS C 43 -15.51 -2.01 -11.57
C CYS C 43 -14.25 -1.51 -10.84
N TYR C 44 -13.51 -2.44 -10.19
CA TYR C 44 -12.29 -2.17 -9.44
C TYR C 44 -11.19 -1.46 -10.25
N ASP C 45 -11.05 -1.82 -11.54
CA ASP C 45 -10.07 -1.26 -12.47
C ASP C 45 -10.26 0.24 -12.73
N LEU C 46 -11.52 0.74 -12.65
CA LEU C 46 -11.87 2.14 -12.84
C LEU C 46 -11.43 3.01 -11.67
N ILE C 47 -11.45 2.44 -10.44
CA ILE C 47 -11.09 3.12 -9.19
C ILE C 47 -9.58 3.46 -9.18
N PRO C 48 -9.20 4.75 -9.00
CA PRO C 48 -7.77 5.10 -8.97
C PRO C 48 -7.01 4.57 -7.74
N THR C 49 -5.67 4.49 -7.85
CA THR C 49 -4.77 3.99 -6.79
C THR C 49 -4.91 4.79 -5.49
N SER C 50 -5.04 6.13 -5.59
CA SER C 50 -5.23 7.02 -4.44
C SER C 50 -6.27 8.09 -4.79
N SER C 51 -7.37 8.14 -4.03
CA SER C 51 -8.49 9.06 -4.26
C SER C 51 -8.97 9.80 -3.01
N LYS C 52 -9.76 10.86 -3.22
CA LYS C 52 -10.36 11.72 -2.20
C LYS C 52 -11.89 11.57 -2.26
N LEU C 53 -12.50 11.18 -1.14
CA LEU C 53 -13.96 11.00 -1.03
C LEU C 53 -14.48 11.74 0.20
N VAL C 54 -15.59 12.47 0.04
CA VAL C 54 -16.23 13.24 1.13
C VAL C 54 -17.57 12.60 1.49
N VAL C 55 -17.87 12.48 2.80
CA VAL C 55 -19.11 11.89 3.32
C VAL C 55 -19.77 12.89 4.28
N PHE C 56 -21.06 13.21 4.04
CA PHE C 56 -21.84 14.12 4.88
C PHE C 56 -22.86 13.37 5.72
N ASP C 57 -22.97 13.75 7.01
CA ASP C 57 -23.96 13.16 7.92
C ASP C 57 -25.23 13.98 7.76
N THR C 58 -26.37 13.29 7.52
CA THR C 58 -27.70 13.89 7.28
C THR C 58 -28.13 14.97 8.31
N SER C 59 -27.52 14.97 9.51
CA SER C 59 -27.83 15.91 10.59
C SER C 59 -27.28 17.35 10.41
N LEU C 60 -26.28 17.56 9.52
CA LEU C 60 -25.71 18.89 9.31
C LEU C 60 -26.50 19.73 8.28
N GLN C 61 -26.41 21.08 8.41
CA GLN C 61 -27.08 22.07 7.55
C GLN C 61 -26.66 21.94 6.08
N VAL C 62 -27.65 22.02 5.16
CA VAL C 62 -27.45 21.89 3.71
C VAL C 62 -26.58 23.03 3.13
N LYS C 63 -26.63 24.25 3.72
CA LYS C 63 -25.84 25.41 3.29
C LYS C 63 -24.36 25.21 3.56
N LYS C 64 -24.02 24.57 4.69
CA LYS C 64 -22.64 24.26 5.09
C LYS C 64 -22.05 23.13 4.24
N ALA C 65 -22.92 22.22 3.74
CA ALA C 65 -22.54 21.09 2.91
C ALA C 65 -22.09 21.50 1.51
N PHE C 66 -22.75 22.50 0.89
CA PHE C 66 -22.38 23.00 -0.44
C PHE C 66 -21.09 23.81 -0.37
N PHE C 67 -20.87 24.52 0.74
CA PHE C 67 -19.67 25.31 1.02
C PHE C 67 -18.48 24.37 1.31
N ALA C 68 -18.77 23.12 1.73
CA ALA C 68 -17.79 22.09 2.03
C ALA C 68 -17.29 21.41 0.75
N LEU C 69 -18.16 21.30 -0.28
CA LEU C 69 -17.83 20.72 -1.57
C LEU C 69 -16.84 21.61 -2.33
N VAL C 70 -16.94 22.94 -2.13
CA VAL C 70 -16.09 23.96 -2.74
C VAL C 70 -14.67 23.88 -2.16
N THR C 71 -14.56 23.86 -0.81
CA THR C 71 -13.28 23.81 -0.07
C THR C 71 -12.50 22.51 -0.33
N ASN C 72 -13.21 21.39 -0.60
CA ASN C 72 -12.61 20.09 -0.89
C ASN C 72 -12.41 19.85 -2.40
N GLY C 73 -13.14 20.59 -3.23
CA GLY C 73 -13.05 20.53 -4.68
C GLY C 73 -13.72 19.34 -5.35
N VAL C 74 -14.60 18.62 -4.62
CA VAL C 74 -15.31 17.46 -5.16
C VAL C 74 -16.71 17.87 -5.67
N ARG C 75 -17.08 17.35 -6.86
CA ARG C 75 -18.35 17.64 -7.54
C ARG C 75 -19.58 17.08 -6.79
N ALA C 76 -19.47 15.84 -6.28
CA ALA C 76 -20.55 15.16 -5.55
C ALA C 76 -20.01 14.36 -4.36
N ALA C 77 -20.87 14.13 -3.34
CA ALA C 77 -20.49 13.39 -2.14
C ALA C 77 -21.67 12.58 -1.55
N PRO C 78 -21.46 11.27 -1.22
CA PRO C 78 -22.58 10.47 -0.67
C PRO C 78 -23.01 10.90 0.74
N LEU C 79 -24.29 10.63 1.06
CA LEU C 79 -24.89 10.98 2.36
C LEU C 79 -24.99 9.77 3.29
N TRP C 80 -24.70 9.98 4.58
CA TRP C 80 -24.72 8.97 5.63
C TRP C 80 -25.76 9.32 6.69
N ASP C 81 -26.48 8.29 7.20
CA ASP C 81 -27.47 8.43 8.24
C ASP C 81 -27.00 7.69 9.49
N SER C 82 -26.79 8.43 10.60
CA SER C 82 -26.31 7.88 11.87
C SER C 82 -27.32 6.95 12.55
N LYS C 83 -28.62 7.25 12.41
CA LYS C 83 -29.71 6.46 12.99
C LYS C 83 -29.90 5.12 12.26
N LYS C 84 -29.81 5.12 10.92
CA LYS C 84 -29.96 3.93 10.08
C LYS C 84 -28.66 3.12 9.96
N GLN C 85 -27.49 3.77 10.19
CA GLN C 85 -26.14 3.20 10.12
C GLN C 85 -25.82 2.60 8.73
N SER C 86 -26.23 3.32 7.67
CA SER C 86 -26.04 2.96 6.26
C SER C 86 -26.23 4.20 5.36
N PHE C 87 -25.60 4.20 4.16
CA PHE C 87 -25.69 5.29 3.20
C PHE C 87 -27.11 5.34 2.61
N VAL C 88 -27.76 6.51 2.69
CA VAL C 88 -29.13 6.72 2.23
C VAL C 88 -29.18 7.41 0.85
N GLY C 89 -28.56 8.58 0.74
CA GLY C 89 -28.57 9.37 -0.49
C GLY C 89 -27.22 9.73 -1.07
N MET C 90 -27.25 10.69 -2.01
CA MET C 90 -26.09 11.22 -2.73
C MET C 90 -26.31 12.73 -2.94
N LEU C 91 -25.40 13.56 -2.41
CA LEU C 91 -25.50 15.02 -2.54
C LEU C 91 -24.72 15.52 -3.76
N THR C 92 -25.45 16.14 -4.70
CA THR C 92 -24.91 16.69 -5.95
C THR C 92 -25.20 18.19 -6.04
N ILE C 93 -24.69 18.87 -7.10
CA ILE C 93 -24.93 20.29 -7.35
C ILE C 93 -26.39 20.49 -7.82
N THR C 94 -27.03 19.41 -8.32
CA THR C 94 -28.43 19.36 -8.76
C THR C 94 -29.34 19.75 -7.59
N ASP C 95 -28.99 19.31 -6.36
CA ASP C 95 -29.70 19.62 -5.12
C ASP C 95 -29.66 21.12 -4.82
N PHE C 96 -28.49 21.76 -5.07
CA PHE C 96 -28.26 23.20 -4.90
C PHE C 96 -29.10 24.00 -5.90
N ILE C 97 -29.28 23.45 -7.12
CA ILE C 97 -30.10 24.03 -8.20
C ILE C 97 -31.58 23.93 -7.80
N ASN C 98 -31.99 22.74 -7.29
CA ASN C 98 -33.37 22.45 -6.85
C ASN C 98 -33.82 23.32 -5.67
N ILE C 99 -32.90 23.60 -4.76
CA ILE C 99 -33.23 24.43 -3.61
C ILE C 99 -33.56 25.84 -4.05
N LEU C 100 -32.74 26.38 -4.94
CA LEU C 100 -32.87 27.78 -5.32
C LEU C 100 -34.16 28.10 -6.05
N HIS C 101 -34.56 27.26 -7.00
CA HIS C 101 -35.76 27.54 -7.76
C HIS C 101 -36.94 27.53 -6.81
N ARG C 102 -36.97 26.53 -5.93
CA ARG C 102 -38.05 26.41 -4.98
C ARG C 102 -38.11 27.53 -3.96
N TYR C 103 -36.96 27.93 -3.41
CA TYR C 103 -36.96 28.83 -2.27
C TYR C 103 -36.54 30.27 -2.50
N TYR C 104 -35.86 30.55 -3.59
CA TYR C 104 -35.41 31.94 -3.83
C TYR C 104 -36.58 32.90 -4.05
N LYS C 105 -36.65 33.94 -3.21
CA LYS C 105 -37.69 34.96 -3.25
C LYS C 105 -37.23 36.19 -4.04
N SER C 106 -36.14 36.86 -3.58
CA SER C 106 -35.55 38.05 -4.20
C SER C 106 -34.14 38.34 -3.66
N ALA C 107 -33.48 39.36 -4.21
CA ALA C 107 -32.14 39.79 -3.80
C ALA C 107 -32.16 40.52 -2.44
N LEU C 108 -33.35 41.02 -2.05
CA LEU C 108 -33.58 41.76 -0.81
C LEU C 108 -33.92 40.81 0.36
N VAL C 109 -34.81 39.83 0.11
CA VAL C 109 -35.26 38.85 1.11
C VAL C 109 -34.28 37.68 1.14
N GLN C 110 -33.72 37.39 2.34
CA GLN C 110 -32.79 36.28 2.56
C GLN C 110 -33.48 34.94 2.39
N ILE C 111 -32.77 33.94 1.84
CA ILE C 111 -33.32 32.59 1.66
C ILE C 111 -33.22 31.89 3.03
N TYR C 112 -34.22 32.13 3.89
CA TYR C 112 -34.31 31.59 5.27
C TYR C 112 -34.35 30.06 5.31
N GLU C 113 -34.73 29.43 4.19
CA GLU C 113 -34.80 27.97 4.07
C GLU C 113 -33.42 27.34 3.97
N LEU C 114 -32.55 27.84 3.05
CA LEU C 114 -31.19 27.35 2.81
C LEU C 114 -30.32 27.26 4.08
N GLU C 115 -30.35 28.32 4.91
CA GLU C 115 -29.58 28.38 6.16
C GLU C 115 -30.11 27.44 7.25
N GLU C 116 -31.45 27.42 7.47
CA GLU C 116 -32.11 26.61 8.48
C GLU C 116 -32.19 25.12 8.16
N HIS C 117 -32.43 24.76 6.88
CA HIS C 117 -32.55 23.37 6.41
C HIS C 117 -31.30 22.53 6.61
N LYS C 118 -31.50 21.30 7.08
CA LYS C 118 -30.46 20.29 7.28
C LYS C 118 -30.48 19.36 6.07
N ILE C 119 -29.49 18.45 5.95
CA ILE C 119 -29.39 17.50 4.85
C ILE C 119 -30.55 16.48 4.85
N GLU C 120 -31.02 16.10 6.06
CA GLU C 120 -32.12 15.13 6.24
C GLU C 120 -33.50 15.77 6.01
N THR C 121 -33.70 17.02 6.49
CA THR C 121 -34.97 17.76 6.37
C THR C 121 -35.37 18.02 4.91
N TRP C 122 -34.40 18.43 4.06
CA TRP C 122 -34.64 18.69 2.65
C TRP C 122 -34.82 17.39 1.85
N ARG C 123 -34.18 16.29 2.32
CA ARG C 123 -34.27 14.96 1.70
C ARG C 123 -35.69 14.40 1.77
N GLU C 124 -36.44 14.75 2.84
CA GLU C 124 -37.83 14.34 3.05
C GLU C 124 -38.76 15.10 2.11
N VAL C 125 -38.41 16.38 1.79
CA VAL C 125 -39.17 17.26 0.90
C VAL C 125 -38.96 16.84 -0.57
N TYR C 126 -37.68 16.65 -0.97
CA TYR C 126 -37.29 16.25 -2.31
C TYR C 126 -37.56 14.76 -2.56
N LEU C 127 -38.59 14.47 -3.40
CA LEU C 127 -39.07 13.13 -3.78
C LEU C 127 -39.45 12.26 -2.59
N PRO C 133 -34.81 4.39 -2.40
CA PRO C 133 -33.76 3.37 -2.29
C PRO C 133 -32.39 3.86 -2.74
N LEU C 134 -31.32 3.28 -2.19
CA LEU C 134 -29.93 3.63 -2.52
C LEU C 134 -29.53 3.04 -3.87
N VAL C 135 -29.05 3.91 -4.79
CA VAL C 135 -28.61 3.52 -6.13
C VAL C 135 -27.07 3.48 -6.13
N CYS C 136 -26.51 2.26 -6.16
CA CYS C 136 -25.06 2.02 -6.13
C CYS C 136 -24.65 0.75 -6.90
N ILE C 137 -23.33 0.49 -6.99
CA ILE C 137 -22.76 -0.67 -7.67
C ILE C 137 -21.66 -1.34 -6.82
N SER C 138 -21.33 -2.61 -7.12
CA SER C 138 -20.31 -3.39 -6.42
C SER C 138 -18.97 -3.36 -7.17
N PRO C 139 -17.79 -3.34 -6.49
CA PRO C 139 -16.51 -3.33 -7.22
C PRO C 139 -16.22 -4.65 -7.94
N ASN C 140 -16.76 -5.77 -7.42
CA ASN C 140 -16.63 -7.11 -7.99
C ASN C 140 -17.51 -7.24 -9.24
N ALA C 141 -18.60 -6.45 -9.31
CA ALA C 141 -19.55 -6.44 -10.43
C ALA C 141 -18.92 -5.91 -11.72
N SER C 142 -19.46 -6.36 -12.86
CA SER C 142 -19.00 -6.01 -14.21
C SER C 142 -19.23 -4.54 -14.59
N LEU C 143 -18.45 -4.05 -15.58
CA LEU C 143 -18.54 -2.69 -16.12
C LEU C 143 -19.84 -2.51 -16.90
N PHE C 144 -20.31 -3.56 -17.61
CA PHE C 144 -21.55 -3.59 -18.38
C PHE C 144 -22.77 -3.36 -17.48
N ASP C 145 -22.71 -3.86 -16.23
CA ASP C 145 -23.76 -3.71 -15.22
C ASP C 145 -23.72 -2.31 -14.59
N ALA C 146 -22.55 -1.64 -14.63
CA ALA C 146 -22.34 -0.30 -14.07
C ALA C 146 -22.81 0.81 -15.03
N VAL C 147 -22.52 0.67 -16.34
CA VAL C 147 -22.92 1.63 -17.38
C VAL C 147 -24.44 1.61 -17.54
N SER C 148 -25.05 0.41 -17.48
CA SER C 148 -26.50 0.20 -17.58
C SER C 148 -27.24 0.87 -16.41
N SER C 149 -26.62 0.87 -15.21
CA SER C 149 -27.16 1.48 -13.99
C SER C 149 -27.28 3.00 -14.13
N LEU C 150 -26.31 3.64 -14.82
CA LEU C 150 -26.29 5.09 -15.06
C LEU C 150 -27.34 5.50 -16.10
N ILE C 151 -27.61 4.65 -17.10
CA ILE C 151 -28.58 4.88 -18.17
C ILE C 151 -30.03 4.65 -17.67
N ARG C 152 -30.28 3.49 -17.01
CA ARG C 152 -31.59 3.08 -16.48
C ARG C 152 -32.11 4.01 -15.38
N ASN C 153 -31.28 4.32 -14.37
CA ASN C 153 -31.65 5.19 -13.25
C ASN C 153 -31.61 6.69 -13.58
N LYS C 154 -31.05 7.03 -14.77
CA LYS C 154 -30.92 8.39 -15.32
C LYS C 154 -30.10 9.32 -14.40
N ILE C 155 -28.87 8.89 -14.07
CA ILE C 155 -27.94 9.62 -13.19
C ILE C 155 -26.53 9.71 -13.80
N HIS C 156 -25.78 10.76 -13.42
CA HIS C 156 -24.41 11.00 -13.90
C HIS C 156 -23.37 10.47 -12.90
N ARG C 157 -23.65 10.57 -11.58
CA ARG C 157 -22.78 10.11 -10.52
C ARG C 157 -23.34 8.88 -9.80
N LEU C 158 -22.62 7.75 -9.90
CA LEU C 158 -22.98 6.47 -9.28
C LEU C 158 -21.86 6.01 -8.33
N PRO C 159 -22.12 5.90 -7.00
CA PRO C 159 -21.05 5.48 -6.09
C PRO C 159 -20.84 3.96 -6.04
N VAL C 160 -19.58 3.53 -5.82
CA VAL C 160 -19.23 2.12 -5.71
C VAL C 160 -18.90 1.77 -4.25
N ILE C 161 -19.65 0.79 -3.70
CA ILE C 161 -19.52 0.35 -2.30
C ILE C 161 -19.13 -1.13 -2.25
N ASP C 162 -18.07 -1.46 -1.48
CA ASP C 162 -17.57 -2.82 -1.28
C ASP C 162 -18.55 -3.64 -0.43
N PRO C 163 -18.93 -4.87 -0.86
CA PRO C 163 -19.89 -5.65 -0.06
C PRO C 163 -19.29 -6.25 1.23
N GLU C 164 -18.03 -6.70 1.18
CA GLU C 164 -17.31 -7.29 2.31
C GLU C 164 -16.93 -6.23 3.35
N SER C 165 -16.50 -5.03 2.89
CA SER C 165 -16.10 -3.93 3.76
C SER C 165 -17.30 -3.12 4.24
N GLY C 166 -18.13 -2.65 3.31
CA GLY C 166 -19.33 -1.87 3.60
C GLY C 166 -19.19 -0.38 3.36
N ASN C 167 -17.94 0.09 3.12
CA ASN C 167 -17.63 1.51 2.90
C ASN C 167 -17.50 1.89 1.42
N THR C 168 -17.76 3.18 1.12
CA THR C 168 -17.67 3.77 -0.23
C THR C 168 -16.22 3.82 -0.69
N LEU C 169 -15.98 3.56 -1.99
CA LEU C 169 -14.63 3.56 -2.57
C LEU C 169 -14.42 4.69 -3.56
N TYR C 170 -15.32 4.83 -4.56
CA TYR C 170 -15.22 5.84 -5.61
C TYR C 170 -16.60 6.23 -6.15
N ILE C 171 -16.70 7.43 -6.74
CA ILE C 171 -17.94 7.93 -7.35
C ILE C 171 -17.74 7.92 -8.87
N LEU C 172 -18.30 6.90 -9.55
CA LEU C 172 -18.18 6.70 -10.99
C LEU C 172 -18.91 7.76 -11.81
N THR C 173 -18.25 8.24 -12.86
CA THR C 173 -18.76 9.26 -13.79
C THR C 173 -18.63 8.79 -15.24
N HIS C 174 -19.45 9.37 -16.14
CA HIS C 174 -19.44 9.08 -17.59
C HIS C 174 -18.10 9.46 -18.23
N LYS C 175 -17.43 10.48 -17.68
CA LYS C 175 -16.12 10.97 -18.13
C LYS C 175 -15.01 9.96 -17.82
N ARG C 176 -15.09 9.31 -16.64
CA ARG C 176 -14.10 8.32 -16.18
C ARG C 176 -14.21 7.00 -16.96
N ILE C 177 -15.44 6.58 -17.33
CA ILE C 177 -15.70 5.34 -18.07
C ILE C 177 -15.15 5.45 -19.51
N LEU C 178 -15.42 6.56 -20.21
CA LEU C 178 -14.94 6.80 -21.58
C LEU C 178 -13.41 6.98 -21.63
N LYS C 179 -12.82 7.56 -20.56
CA LYS C 179 -11.37 7.75 -20.45
C LYS C 179 -10.68 6.40 -20.27
N PHE C 180 -11.34 5.48 -19.53
CA PHE C 180 -10.88 4.11 -19.27
C PHE C 180 -10.97 3.29 -20.57
N LEU C 181 -12.00 3.56 -21.40
CA LEU C 181 -12.22 2.88 -22.68
C LEU C 181 -11.16 3.28 -23.70
N LYS C 182 -10.83 4.60 -23.79
CA LYS C 182 -9.81 5.16 -24.70
C LYS C 182 -8.41 4.59 -24.44
N LEU C 183 -8.18 4.06 -23.21
CA LEU C 183 -6.93 3.45 -22.78
C LEU C 183 -6.78 2.02 -23.35
N PHE C 184 -7.85 1.21 -23.27
CA PHE C 184 -7.87 -0.19 -23.73
C PHE C 184 -8.24 -0.36 -25.21
N ILE C 185 -9.03 0.57 -25.79
CA ILE C 185 -9.47 0.51 -27.19
C ILE C 185 -8.34 0.75 -28.21
N THR C 186 -7.23 1.38 -27.78
CA THR C 186 -6.06 1.67 -28.63
C THR C 186 -5.40 0.40 -29.21
N GLU C 187 -5.39 -0.69 -28.41
CA GLU C 187 -4.82 -1.98 -28.81
C GLU C 187 -5.77 -2.79 -29.71
N PHE C 188 -7.08 -2.45 -29.72
CA PHE C 188 -8.10 -3.13 -30.50
C PHE C 188 -8.45 -2.39 -31.81
N PRO C 189 -8.65 -3.09 -32.96
CA PRO C 189 -9.00 -2.39 -34.20
C PRO C 189 -10.47 -1.95 -34.22
N LYS C 190 -10.70 -0.64 -34.46
CA LYS C 190 -12.04 -0.04 -34.50
C LYS C 190 -12.87 -0.47 -35.72
N PRO C 191 -14.17 -0.80 -35.54
CA PRO C 191 -14.99 -1.23 -36.69
C PRO C 191 -15.47 -0.08 -37.58
N GLU C 192 -16.32 -0.40 -38.58
CA GLU C 192 -16.89 0.53 -39.56
C GLU C 192 -17.78 1.62 -38.94
N PHE C 193 -18.59 1.27 -37.92
CA PHE C 193 -19.49 2.20 -37.24
C PHE C 193 -18.75 3.21 -36.34
N MET C 194 -17.50 2.89 -35.94
CA MET C 194 -16.65 3.75 -35.12
C MET C 194 -16.07 4.92 -35.94
N SER C 195 -16.01 4.75 -37.28
CA SER C 195 -15.51 5.76 -38.22
C SER C 195 -16.67 6.36 -39.06
N LYS C 196 -17.89 6.37 -38.49
CA LYS C 196 -19.09 6.89 -39.12
C LYS C 196 -19.37 8.34 -38.71
N SER C 197 -19.84 9.16 -39.67
CA SER C 197 -20.16 10.58 -39.48
C SER C 197 -21.40 10.79 -38.59
N LEU C 198 -21.54 12.00 -38.02
CA LEU C 198 -22.65 12.39 -37.14
C LEU C 198 -23.99 12.43 -37.89
N GLU C 199 -23.97 12.79 -39.19
CA GLU C 199 -25.14 12.86 -40.06
C GLU C 199 -25.70 11.46 -40.36
N GLU C 200 -24.81 10.47 -40.57
CA GLU C 200 -25.17 9.08 -40.85
C GLU C 200 -25.64 8.36 -39.57
N LEU C 201 -24.94 8.57 -38.45
CA LEU C 201 -25.25 7.98 -37.14
C LEU C 201 -26.47 8.63 -36.49
N GLN C 202 -27.09 7.94 -35.52
CA GLN C 202 -28.28 8.43 -34.80
C GLN C 202 -28.00 8.92 -33.37
N ILE C 203 -26.70 8.97 -32.97
CA ILE C 203 -26.27 9.39 -31.64
C ILE C 203 -26.45 10.90 -31.41
N GLY C 204 -27.09 11.25 -30.30
CA GLY C 204 -27.36 12.63 -29.91
C GLY C 204 -28.76 13.10 -30.23
N THR C 205 -29.41 13.78 -29.25
CA THR C 205 -30.77 14.32 -29.38
C THR C 205 -30.74 15.55 -30.28
N TYR C 206 -31.13 15.37 -31.56
CA TYR C 206 -31.14 16.41 -32.59
C TYR C 206 -32.22 17.48 -32.42
N ALA C 207 -33.40 17.11 -31.88
CA ALA C 207 -34.53 18.02 -31.70
C ALA C 207 -34.85 18.39 -30.25
N ASN C 208 -35.58 19.53 -30.07
CA ASN C 208 -36.05 20.11 -28.80
C ASN C 208 -34.92 20.41 -27.80
N ILE C 209 -33.87 21.10 -28.28
CA ILE C 209 -32.73 21.47 -27.44
C ILE C 209 -32.99 22.75 -26.64
N ALA C 210 -32.81 22.67 -25.31
CA ALA C 210 -33.02 23.77 -24.38
C ALA C 210 -31.74 24.62 -24.28
N MET C 211 -31.89 25.95 -24.34
CA MET C 211 -30.77 26.90 -24.30
C MET C 211 -31.10 28.23 -23.61
N VAL C 212 -30.05 29.01 -23.29
CA VAL C 212 -30.14 30.34 -22.66
C VAL C 212 -29.50 31.41 -23.54
N ARG C 213 -29.82 32.69 -23.27
CA ARG C 213 -29.28 33.84 -23.99
C ARG C 213 -28.37 34.68 -23.08
N THR C 214 -27.56 35.58 -23.67
CA THR C 214 -26.60 36.45 -22.96
C THR C 214 -27.26 37.34 -21.88
N THR C 215 -28.54 37.70 -22.07
CA THR C 215 -29.31 38.55 -21.15
C THR C 215 -30.19 37.74 -20.17
N THR C 216 -30.30 36.41 -20.37
CA THR C 216 -31.11 35.50 -19.54
C THR C 216 -30.58 35.42 -18.09
N PRO C 217 -31.43 35.71 -17.08
CA PRO C 217 -30.97 35.64 -15.68
C PRO C 217 -30.70 34.22 -15.20
N VAL C 218 -29.96 34.08 -14.08
CA VAL C 218 -29.59 32.80 -13.47
C VAL C 218 -30.84 32.03 -13.01
N TYR C 219 -31.84 32.71 -12.40
CA TYR C 219 -33.08 32.08 -11.94
C TYR C 219 -33.86 31.40 -13.07
N VAL C 220 -33.90 32.03 -14.26
CA VAL C 220 -34.58 31.48 -15.46
C VAL C 220 -33.77 30.28 -15.97
N ALA C 221 -32.43 30.39 -15.98
CA ALA C 221 -31.50 29.33 -16.42
C ALA C 221 -31.59 28.10 -15.51
N LEU C 222 -31.68 28.31 -14.17
CA LEU C 222 -31.79 27.25 -13.16
C LEU C 222 -33.11 26.49 -13.27
N GLY C 223 -34.17 27.18 -13.70
CA GLY C 223 -35.49 26.62 -13.89
C GLY C 223 -35.53 25.57 -14.98
N ILE C 224 -34.72 25.77 -16.04
CA ILE C 224 -34.57 24.87 -17.19
C ILE C 224 -33.87 23.57 -16.76
N PHE C 225 -32.88 23.67 -15.83
CA PHE C 225 -32.13 22.53 -15.27
C PHE C 225 -33.05 21.55 -14.52
N VAL C 226 -34.18 22.06 -13.96
CA VAL C 226 -35.17 21.29 -13.21
C VAL C 226 -36.31 20.84 -14.15
N GLN C 227 -36.68 21.70 -15.12
CA GLN C 227 -37.75 21.44 -16.10
C GLN C 227 -37.36 20.35 -17.12
N HIS C 228 -36.34 20.64 -17.97
CA HIS C 228 -35.86 19.75 -19.02
C HIS C 228 -34.94 18.62 -18.52
N ARG C 229 -34.28 18.84 -17.34
CA ARG C 229 -33.36 17.92 -16.67
C ARG C 229 -32.15 17.54 -17.54
N VAL C 230 -31.28 18.53 -17.82
CA VAL C 230 -30.07 18.38 -18.63
C VAL C 230 -28.85 18.99 -17.93
N SER C 231 -27.67 18.36 -18.08
CA SER C 231 -26.42 18.79 -17.44
C SER C 231 -25.86 20.12 -17.95
N ALA C 232 -25.92 20.37 -19.27
CA ALA C 232 -25.39 21.61 -19.88
C ALA C 232 -26.44 22.44 -20.62
N LEU C 233 -26.28 23.77 -20.57
CA LEU C 233 -27.14 24.76 -21.21
C LEU C 233 -26.27 25.71 -22.05
N PRO C 234 -26.42 25.76 -23.38
CA PRO C 234 -25.56 26.65 -24.18
C PRO C 234 -26.04 28.10 -24.25
N VAL C 235 -25.14 29.04 -23.93
CA VAL C 235 -25.40 30.49 -23.99
C VAL C 235 -25.29 30.90 -25.46
N VAL C 236 -26.45 31.20 -26.09
CA VAL C 236 -26.55 31.55 -27.50
C VAL C 236 -26.97 33.01 -27.70
N ASP C 237 -26.28 33.71 -28.63
CA ASP C 237 -26.55 35.10 -29.02
C ASP C 237 -27.88 35.16 -29.80
N GLU C 238 -28.51 36.35 -29.83
CA GLU C 238 -29.80 36.61 -30.49
C GLU C 238 -29.83 36.25 -31.99
N LYS C 239 -28.66 36.33 -32.67
CA LYS C 239 -28.51 35.98 -34.09
C LYS C 239 -28.53 34.46 -34.29
N GLY C 240 -28.01 33.72 -33.30
CA GLY C 240 -27.95 32.27 -33.30
C GLY C 240 -26.56 31.69 -33.09
N ARG C 241 -25.59 32.52 -32.68
CA ARG C 241 -24.20 32.14 -32.44
C ARG C 241 -23.94 31.71 -31.00
N VAL C 242 -23.27 30.54 -30.82
CA VAL C 242 -22.93 30.02 -29.49
C VAL C 242 -21.67 30.72 -28.99
N VAL C 243 -21.77 31.42 -27.85
CA VAL C 243 -20.67 32.18 -27.25
C VAL C 243 -20.12 31.48 -25.99
N ASP C 244 -21.02 31.03 -25.08
CA ASP C 244 -20.64 30.36 -23.83
C ASP C 244 -21.49 29.12 -23.55
N ILE C 245 -21.17 28.40 -22.44
CA ILE C 245 -21.89 27.21 -21.99
C ILE C 245 -21.99 27.20 -20.45
N TYR C 246 -23.23 27.15 -19.94
CA TYR C 246 -23.52 27.14 -18.51
C TYR C 246 -23.95 25.73 -18.08
N SER C 247 -23.00 25.00 -17.47
CA SER C 247 -23.21 23.64 -16.98
C SER C 247 -23.60 23.63 -15.50
N LYS C 248 -23.90 22.44 -14.93
CA LYS C 248 -24.25 22.24 -13.52
C LYS C 248 -23.09 22.63 -12.59
N PHE C 249 -21.84 22.51 -13.10
CA PHE C 249 -20.62 22.86 -12.38
C PHE C 249 -20.49 24.38 -12.20
N ASP C 250 -20.96 25.16 -13.18
CA ASP C 250 -20.90 26.63 -13.15
C ASP C 250 -21.81 27.25 -12.07
N VAL C 251 -22.75 26.45 -11.53
CA VAL C 251 -23.69 26.85 -10.47
C VAL C 251 -22.96 26.95 -9.12
N ILE C 252 -21.94 26.08 -8.89
CA ILE C 252 -21.15 26.05 -7.63
C ILE C 252 -20.41 27.38 -7.38
N ASN C 253 -20.24 28.22 -8.43
CA ASN C 253 -19.59 29.53 -8.35
C ASN C 253 -20.42 30.52 -7.51
N LEU C 254 -21.76 30.32 -7.47
CA LEU C 254 -22.69 31.14 -6.69
C LEU C 254 -22.48 30.88 -5.19
N ALA C 255 -22.07 29.65 -4.83
CA ALA C 255 -21.78 29.22 -3.46
C ALA C 255 -20.33 29.55 -3.09
N ALA C 256 -19.42 29.51 -4.09
CA ALA C 256 -17.99 29.82 -3.95
C ALA C 256 -17.73 31.30 -3.66
N GLU C 257 -18.47 32.19 -4.36
CA GLU C 257 -18.36 33.64 -4.23
C GLU C 257 -19.43 34.22 -3.29
N LYS C 258 -20.37 33.37 -2.81
CA LYS C 258 -21.51 33.70 -1.93
C LYS C 258 -22.47 34.70 -2.62
N THR C 259 -22.62 34.57 -3.95
CA THR C 259 -23.47 35.41 -4.79
C THR C 259 -24.82 34.76 -5.10
N TYR C 260 -25.17 33.68 -4.36
CA TYR C 260 -26.43 32.92 -4.51
C TYR C 260 -27.68 33.75 -4.20
N ASN C 261 -27.54 34.80 -3.36
CA ASN C 261 -28.63 35.70 -2.96
C ASN C 261 -29.12 36.60 -4.10
N ASN C 262 -28.35 36.72 -5.21
CA ASN C 262 -28.74 37.52 -6.37
C ASN C 262 -28.71 36.66 -7.64
N LEU C 263 -29.88 36.12 -8.00
CA LEU C 263 -30.05 35.28 -9.20
C LEU C 263 -30.71 36.09 -10.33
N ASP C 264 -31.01 37.38 -10.07
CA ASP C 264 -31.62 38.31 -11.01
C ASP C 264 -30.67 38.73 -12.13
N VAL C 265 -29.35 38.69 -11.85
CA VAL C 265 -28.27 39.04 -12.80
C VAL C 265 -28.16 38.02 -13.95
N SER C 266 -27.71 38.48 -15.14
CA SER C 266 -27.56 37.68 -16.35
C SER C 266 -26.53 36.54 -16.22
N VAL C 267 -26.62 35.54 -17.12
CA VAL C 267 -25.75 34.36 -17.17
C VAL C 267 -24.29 34.75 -17.53
N THR C 268 -24.11 35.86 -18.28
CA THR C 268 -22.81 36.39 -18.71
C THR C 268 -22.01 36.89 -17.48
N LYS C 269 -22.72 37.51 -16.51
CA LYS C 269 -22.14 38.02 -15.25
C LYS C 269 -21.76 36.85 -14.34
N ALA C 270 -22.52 35.74 -14.40
CA ALA C 270 -22.29 34.52 -13.62
C ALA C 270 -21.07 33.75 -14.13
N LEU C 271 -20.73 33.92 -15.43
CA LEU C 271 -19.60 33.26 -16.07
C LEU C 271 -18.42 34.21 -16.32
N GLN C 272 -18.45 35.40 -15.67
CA GLN C 272 -17.41 36.43 -15.77
C GLN C 272 -16.10 36.04 -15.07
N HIS C 273 -16.16 35.06 -14.15
CA HIS C 273 -15.00 34.58 -13.38
C HIS C 273 -13.98 33.79 -14.22
N ARG C 274 -14.47 33.01 -15.21
CA ARG C 274 -13.63 32.17 -16.08
C ARG C 274 -13.07 32.93 -17.30
N SER C 275 -13.59 34.14 -17.59
CA SER C 275 -13.21 35.00 -18.72
C SER C 275 -11.70 35.15 -18.96
N HIS C 276 -10.91 35.24 -17.87
CA HIS C 276 -9.45 35.38 -17.92
C HIS C 276 -8.74 34.06 -18.26
N TYR C 277 -9.26 32.92 -17.76
CA TYR C 277 -8.65 31.60 -17.98
C TYR C 277 -9.63 30.60 -18.63
N PHE C 278 -9.91 30.80 -19.93
CA PHE C 278 -10.81 29.97 -20.74
C PHE C 278 -10.37 29.99 -22.20
N GLU C 279 -10.14 28.79 -22.78
CA GLU C 279 -9.68 28.62 -24.16
C GLU C 279 -10.82 28.37 -25.17
N GLY C 280 -11.93 29.09 -25.02
CA GLY C 280 -13.09 29.00 -25.90
C GLY C 280 -13.97 27.79 -25.70
N VAL C 281 -15.19 27.84 -26.27
CA VAL C 281 -16.19 26.76 -26.19
C VAL C 281 -15.90 25.64 -27.18
N LEU C 282 -16.10 24.38 -26.75
CA LEU C 282 -15.88 23.19 -27.57
C LEU C 282 -17.05 22.94 -28.51
N LYS C 283 -16.78 22.99 -29.83
CA LYS C 283 -17.77 22.77 -30.87
C LYS C 283 -17.22 21.96 -32.05
N CYS C 284 -17.96 20.92 -32.45
CA CYS C 284 -17.59 20.04 -33.57
C CYS C 284 -18.58 20.15 -34.73
N TYR C 285 -18.27 19.53 -35.88
CA TYR C 285 -19.11 19.57 -37.07
C TYR C 285 -19.83 18.26 -37.37
N LEU C 286 -20.92 18.32 -38.16
CA LEU C 286 -21.74 17.17 -38.55
C LEU C 286 -21.00 16.21 -39.50
N HIS C 287 -20.02 16.73 -40.27
CA HIS C 287 -19.21 15.94 -41.20
C HIS C 287 -17.94 15.35 -40.55
N GLU C 288 -17.98 15.12 -39.22
CA GLU C 288 -16.87 14.55 -38.44
C GLU C 288 -17.19 13.13 -37.99
N THR C 289 -16.19 12.24 -38.06
CA THR C 289 -16.30 10.82 -37.68
C THR C 289 -16.46 10.65 -36.16
N LEU C 290 -17.13 9.56 -35.74
CA LEU C 290 -17.39 9.21 -34.33
C LEU C 290 -16.11 9.08 -33.51
N GLU C 291 -15.03 8.52 -34.11
CA GLU C 291 -13.72 8.35 -33.48
C GLU C 291 -13.07 9.70 -33.13
N THR C 292 -13.26 10.72 -33.98
CA THR C 292 -12.75 12.08 -33.78
C THR C 292 -13.54 12.79 -32.67
N ILE C 293 -14.86 12.55 -32.59
CA ILE C 293 -15.78 13.13 -31.60
C ILE C 293 -15.42 12.60 -30.19
N ILE C 294 -15.19 11.28 -30.05
CA ILE C 294 -14.80 10.62 -28.80
C ILE C 294 -13.42 11.11 -28.33
N ASN C 295 -12.47 11.28 -29.27
CA ASN C 295 -11.11 11.78 -29.01
C ASN C 295 -11.11 13.24 -28.55
N ARG C 296 -12.10 14.03 -29.00
CA ARG C 296 -12.26 15.45 -28.66
C ARG C 296 -12.73 15.62 -27.20
N LEU C 297 -13.68 14.76 -26.76
CA LEU C 297 -14.26 14.79 -25.41
C LEU C 297 -13.27 14.42 -24.30
N VAL C 298 -12.41 13.40 -24.54
CA VAL C 298 -11.41 12.94 -23.56
C VAL C 298 -10.27 13.95 -23.39
N GLU C 299 -9.89 14.64 -24.49
CA GLU C 299 -8.83 15.66 -24.49
C GLU C 299 -9.28 16.94 -23.79
N ALA C 300 -10.56 17.33 -23.98
CA ALA C 300 -11.16 18.53 -23.40
C ALA C 300 -11.67 18.30 -21.97
N GLU C 301 -11.93 17.02 -21.60
CA GLU C 301 -12.42 16.57 -20.28
C GLU C 301 -13.84 17.08 -19.94
N VAL C 302 -14.61 17.48 -20.97
CA VAL C 302 -15.98 17.99 -20.84
C VAL C 302 -17.02 16.87 -21.02
N HIS C 303 -18.22 17.05 -20.44
CA HIS C 303 -19.31 16.07 -20.51
C HIS C 303 -20.14 16.20 -21.80
N ARG C 304 -20.73 17.38 -22.02
CA ARG C 304 -21.55 17.66 -23.21
C ARG C 304 -20.76 18.38 -24.30
N LEU C 305 -20.94 17.94 -25.56
CA LEU C 305 -20.27 18.52 -26.73
C LEU C 305 -21.27 19.15 -27.69
N VAL C 306 -21.11 20.46 -27.94
CA VAL C 306 -21.97 21.27 -28.81
C VAL C 306 -21.65 20.97 -30.29
N VAL C 307 -22.67 20.89 -31.14
CA VAL C 307 -22.44 20.70 -32.57
C VAL C 307 -23.03 21.84 -33.40
N VAL C 308 -22.26 22.34 -34.36
CA VAL C 308 -22.72 23.38 -35.27
C VAL C 308 -22.31 23.07 -36.71
N ASP C 309 -23.06 23.60 -37.68
CA ASP C 309 -22.79 23.31 -39.09
C ASP C 309 -22.51 24.55 -39.94
N GLU C 310 -21.42 24.48 -40.72
CA GLU C 310 -21.12 25.47 -41.75
C GLU C 310 -20.71 26.81 -41.13
N ASN C 311 -21.62 27.35 -40.34
CA ASN C 311 -21.39 28.57 -39.59
C ASN C 311 -21.94 28.29 -38.22
N ASP C 312 -21.46 29.01 -37.20
CA ASP C 312 -21.91 28.72 -35.85
C ASP C 312 -23.42 28.93 -35.85
N VAL C 313 -24.13 27.93 -35.34
CA VAL C 313 -25.58 27.94 -35.34
C VAL C 313 -26.10 26.96 -34.32
N VAL C 314 -27.37 27.10 -33.94
CA VAL C 314 -27.96 26.12 -33.05
C VAL C 314 -28.00 24.78 -33.78
N LYS C 315 -27.61 23.73 -33.07
CA LYS C 315 -27.70 22.38 -33.61
C LYS C 315 -27.76 21.43 -32.43
N GLY C 316 -28.21 20.22 -32.65
CA GLY C 316 -28.43 19.32 -31.53
C GLY C 316 -27.16 19.07 -30.76
N ILE C 317 -27.27 19.10 -29.45
CA ILE C 317 -26.15 18.77 -28.54
C ILE C 317 -25.98 17.27 -28.29
N VAL C 318 -24.72 16.78 -28.36
CA VAL C 318 -24.37 15.38 -28.10
C VAL C 318 -23.59 15.28 -26.78
N SER C 319 -24.12 14.51 -25.83
CA SER C 319 -23.53 14.30 -24.50
C SER C 319 -22.98 12.87 -24.36
N LEU C 320 -22.18 12.62 -23.29
CA LEU C 320 -21.57 11.31 -22.99
C LEU C 320 -22.62 10.22 -22.77
N SER C 321 -23.82 10.61 -22.27
CA SER C 321 -24.94 9.71 -22.03
C SER C 321 -25.49 9.10 -23.33
N ASP C 322 -25.34 9.81 -24.47
CA ASP C 322 -25.77 9.34 -25.78
C ASP C 322 -24.76 8.34 -26.35
N ILE C 323 -23.46 8.64 -26.19
CA ILE C 323 -22.33 7.83 -26.65
C ILE C 323 -22.28 6.50 -25.89
N LEU C 324 -22.33 6.54 -24.55
CA LEU C 324 -22.32 5.35 -23.68
C LEU C 324 -23.53 4.43 -23.90
N GLN C 325 -24.71 5.00 -24.23
CA GLN C 325 -25.93 4.26 -24.51
C GLN C 325 -25.80 3.50 -25.85
N ALA C 326 -25.13 4.14 -26.84
CA ALA C 326 -24.87 3.57 -28.16
C ALA C 326 -23.84 2.44 -28.08
N LEU C 327 -22.88 2.53 -27.15
CA LEU C 327 -21.84 1.53 -26.93
C LEU C 327 -22.39 0.24 -26.32
N VAL C 328 -23.46 0.34 -25.51
CA VAL C 328 -24.12 -0.79 -24.86
C VAL C 328 -24.93 -1.62 -25.87
N LEU C 329 -25.87 -0.97 -26.59
CA LEU C 329 -26.72 -1.62 -27.58
C LEU C 329 -26.17 -1.48 -29.00
C1 GLC D . 26.02 -53.93 34.48
C2 GLC D . 26.06 -52.58 35.19
C3 GLC D . 26.07 -51.43 34.19
C4 GLC D . 27.18 -51.56 33.13
C5 GLC D . 27.59 -53.01 32.83
C6 GLC D . 28.78 -53.42 33.67
O2 GLC D . 24.92 -52.46 36.05
O3 GLC D . 26.23 -50.19 34.88
O4 GLC D . 26.69 -50.94 31.94
O5 GLC D . 26.48 -53.87 33.11
O6 GLC D . 29.90 -52.57 33.38
C1 GLC D . 27.75 -50.47 31.10
C2 GLC D . 27.34 -49.13 30.50
C3 GLC D . 26.06 -49.29 29.70
C4 GLC D . 26.20 -50.41 28.67
C5 GLC D . 26.76 -51.68 29.33
C6 GLC D . 27.04 -52.76 28.27
O2 GLC D . 27.13 -48.18 31.56
O3 GLC D . 25.76 -48.06 29.02
O4 GLC D . 24.93 -50.69 28.10
O5 GLC D . 27.96 -51.40 30.04
O6 GLC D . 25.81 -53.29 27.78
C1 GLC D . 24.91 -50.37 26.69
C2 GLC D . 23.68 -49.53 26.39
C3 GLC D . 22.40 -50.32 26.65
C4 GLC D . 22.44 -51.66 25.95
C5 GLC D . 23.75 -52.39 26.27
C6 GLC D . 23.85 -53.71 25.49
O2 GLC D . 23.68 -48.35 27.20
O3 GLC D . 21.26 -49.57 26.19
O4 GLC D . 21.35 -52.47 26.36
O5 GLC D . 24.87 -51.57 25.93
O6 GLC D . 25.08 -54.36 25.82
C1 GLC D . 20.89 -53.32 25.31
C2 GLC D . 19.38 -53.23 25.18
C3 GLC D . 18.69 -53.85 26.39
C4 GLC D . 19.22 -55.26 26.60
C5 GLC D . 20.72 -55.25 26.73
C6 GLC D . 21.28 -56.66 26.89
O2 GLC D . 18.99 -51.85 25.09
O3 GLC D . 17.26 -53.90 26.16
O4 GLC D . 18.61 -55.84 27.76
O5 GLC D . 21.32 -54.66 25.57
O6 GLC D . 20.93 -57.45 25.76
C1 GLC D . 18.08 -57.14 27.51
C2 GLC D . 16.98 -57.47 28.52
C3 GLC D . 17.53 -57.55 29.94
C4 GLC D . 18.80 -58.40 30.00
C5 GLC D . 19.76 -58.00 28.91
C6 GLC D . 21.00 -58.89 28.92
O2 GLC D . 15.96 -56.48 28.46
O3 GLC D . 16.54 -58.11 30.81
O4 GLC D . 19.43 -58.18 31.26
O5 GLC D . 19.12 -58.10 27.63
O6 GLC D . 21.67 -58.76 30.18
C1 GLC D . 18.68 -58.70 32.37
C2 GLC D . 18.13 -57.60 33.28
C3 GLC D . 19.27 -56.80 33.87
C4 GLC D . 20.26 -57.70 34.59
C5 GLC D . 20.63 -58.95 33.80
C6 GLC D . 21.27 -59.99 34.72
O2 GLC D . 17.29 -56.73 32.50
O3 GLC D . 18.74 -55.84 34.79
O4 GLC D . 21.42 -56.91 34.82
O5 GLC D . 19.54 -59.58 33.10
O6 GLC D . 21.60 -61.16 33.96
C1 GLC D . 22.41 -57.54 35.63
C2 GLC D . 22.81 -56.61 36.76
C3 GLC D . 23.34 -55.31 36.17
C4 GLC D . 24.43 -55.58 35.14
C5 GLC D . 24.03 -56.66 34.14
C6 GLC D . 25.22 -57.04 33.27
O2 GLC D . 21.67 -56.33 37.58
O3 GLC D . 23.88 -54.49 37.22
O4 GLC D . 24.66 -54.37 34.42
O5 GLC D . 23.54 -57.82 34.81
O6 GLC D . 24.88 -58.16 32.45
O4 STU E . 29.74 -16.12 7.04
C25 STU E . 30.65 -15.60 6.06
C24 STU E . 30.80 -14.08 6.09
C23 STU E . 30.09 -13.46 7.28
C22 STU E . 28.64 -13.91 7.28
C21 STU E . 28.51 -15.43 7.29
C26 STU E . 28.11 -15.86 8.70
N2 STU E . 27.46 -15.85 6.32
C18 STU E . 27.70 -16.21 5.03
C19 STU E . 28.99 -16.31 4.28
C6 STU E . 28.97 -16.74 2.89
C7 STU E . 27.66 -17.07 2.28
C10 STU E . 26.38 -16.99 2.97
C11 STU E . 26.42 -16.54 4.40
C12 STU E . 25.41 -16.32 5.43
C17 STU E . 26.13 -15.87 6.65
C16 STU E . 25.37 -15.60 7.78
C15 STU E . 23.99 -15.77 7.71
C14 STU E . 23.33 -16.19 6.56
C13 STU E . 24.04 -16.48 5.38
C9 STU E . 25.29 -17.37 2.08
N1 STU E . 25.96 -17.70 0.78
C8 STU E . 27.30 -17.52 0.92
O5 STU E . 28.15 -17.72 -0.03
C5 STU E . 30.37 -16.73 2.48
C20 STU E . 31.14 -16.28 3.68
C1 STU E . 32.52 -16.18 3.54
C2 STU E . 33.10 -16.50 2.31
C3 STU E . 32.35 -16.92 1.21
C4 STU E . 30.97 -17.04 1.27
N3 STU E . 30.25 -16.05 4.71
O6 STU E . 27.98 -13.34 6.15
C27 STU E . 27.50 -12.02 6.42
N4 STU E . 30.17 -12.01 7.21
C28 STU E . 31.30 -11.31 7.80
OAB CG7 F . 27.68 -23.58 19.39
CAV CG7 F . 26.44 -23.57 19.43
OAC CG7 F . 25.84 -23.36 20.51
CBD CG7 F . 25.69 -23.84 18.28
CAP CG7 F . 25.28 -25.17 18.06
CAW CG7 F . 25.34 -22.85 17.35
CAA CG7 F . 25.73 -21.51 17.49
CAI CG7 F . 24.59 -23.19 16.21
CAK CG7 F . 24.18 -24.51 16.01
CAZ CG7 F . 24.55 -25.50 16.93
OAU CG7 F . 24.14 -26.80 16.76
CBC CG7 F . 24.71 -27.47 15.72
NAR CG7 F . 24.02 -28.18 14.84
NAT CG7 F . 26.02 -27.61 15.50
CBH CG7 F . 26.15 -28.37 14.42
NAS CG7 F . 27.25 -28.80 13.75
CBG CG7 F . 24.91 -28.73 14.01
CAQ CG7 F . 24.76 -29.52 12.94
CAY CG7 F . 25.86 -29.97 12.22
CL1 CG7 F . 25.58 -30.98 10.83
CBF CG7 F . 27.14 -29.60 12.67
CBB CG7 F . 28.31 -30.00 11.99
CAO CG7 F . 28.61 -31.35 11.79
CAM CG7 F . 29.76 -31.73 11.10
CAN CG7 F . 29.22 -29.03 11.53
CAL CG7 F . 30.39 -29.41 10.88
CBA CG7 F . 30.66 -30.77 10.65
CBE CG7 F . 31.82 -31.17 9.97
CAJ CG7 F . 32.75 -32.00 10.63
CAG CG7 F . 33.91 -32.44 9.97
CAF CG7 F . 34.15 -32.06 8.65
CAH CG7 F . 33.24 -31.25 7.98
CAX CG7 F . 32.08 -30.82 8.63
OAD CG7 F . 31.19 -30.01 8.00
P AMP G . -19.40 19.22 -16.96
O1P AMP G . -18.56 17.97 -16.92
O2P AMP G . -20.35 19.30 -18.13
O3P AMP G . -20.04 19.59 -15.64
O5' AMP G . -18.34 20.39 -17.27
C5' AMP G . -17.36 20.82 -16.32
C4' AMP G . -16.78 22.17 -16.73
O4' AMP G . -16.43 22.17 -18.13
C3' AMP G . -17.74 23.32 -16.51
O3' AMP G . -17.05 24.37 -15.82
C2' AMP G . -18.15 23.79 -17.91
O2' AMP G . -18.22 25.21 -18.00
C1' AMP G . -17.07 23.24 -18.82
N9 AMP G . -17.62 22.76 -20.13
C8 AMP G . -18.49 21.75 -20.32
N7 AMP G . -18.76 21.57 -21.63
C5 AMP G . -18.04 22.47 -22.32
C6 AMP G . -17.85 22.82 -23.75
N6 AMP G . -18.52 22.16 -24.73
N1 AMP G . -17.00 23.85 -24.05
C2 AMP G . -16.33 24.52 -23.09
N3 AMP G . -16.45 24.25 -21.77
C4 AMP G . -17.28 23.25 -21.33
P AMP H . -26.83 15.08 -20.00
O1P AMP H . -26.14 13.74 -19.97
O2P AMP H . -27.59 15.43 -18.74
O3P AMP H . -25.97 16.21 -20.53
O5' AMP H . -27.98 14.95 -21.11
C5' AMP H . -28.96 13.90 -21.10
C4' AMP H . -29.72 13.87 -22.42
O4' AMP H . -30.16 15.18 -22.79
C3' AMP H . -28.85 13.34 -23.56
O3' AMP H . -29.56 12.28 -24.23
C2' AMP H . -28.62 14.53 -24.48
O2' AMP H . -28.79 14.20 -25.86
C1' AMP H . -29.63 15.58 -24.05
N9 AMP H . -29.04 16.95 -23.92
C8 AMP H . -27.78 17.27 -23.59
N7 AMP H . -27.59 18.62 -23.56
C5 AMP H . -28.77 19.19 -23.85
C6 AMP H . -29.30 20.58 -23.99
N6 AMP H . -28.50 21.66 -23.79
N1 AMP H . -30.61 20.74 -24.32
C2 AMP H . -31.43 19.68 -24.51
N3 AMP H . -31.02 18.40 -24.41
C4 AMP H . -29.73 18.09 -24.10
#